data_6ARY
#
_entry.id   6ARY
#
_cell.length_a   150.333
_cell.length_b   150.333
_cell.length_c   226.478
_cell.angle_alpha   90.000
_cell.angle_beta   90.000
_cell.angle_gamma   120.000
#
_symmetry.space_group_name_H-M   'P 61'
#
loop_
_entity.id
_entity.type
_entity.pdbx_description
1 polymer Acetylcholinesterase
2 non-polymer (1S)-2,2-difluoro-1-[1-(pentan-3-yl)-1H-pyrazol-4-yl]ethan-1-ol
3 non-polymer 2-acetamido-2-deoxy-beta-D-glucopyranose
4 non-polymer 'CITRATE ANION'
5 non-polymer 'CHLORIDE ION'
6 water water
#
_entity_poly.entity_id   1
_entity_poly.type   'polypeptide(L)'
_entity_poly.pdbx_seq_one_letter_code
;SDNDPLVVNTDKGRIRGITVDAPSGKKVDVWLGIPYAQPPVGPLRFRHPRPAEKWTGVLNTTTPPNSCVQIVDTVFGDFP
GATMWNPNTPLSEDCLYINVVAPRPRPKNAAVMLWIFGGSFYSGTATLDVYDHRALASEENVIVVSLQYRVASLGFLFLG
TPEAPGNAGLFDQNLALRWVRDNIHRFGGDPSRVTLFGESAGAVSVSLHLLSALSRDLFQRAILQSGSPTAPWALVSREE
ATLRALRLAEAVGCPHEPSKLSDAVECLRGKDPHVLVNNEWGTLGICEFPFVPVVDGAFLDETPQRSLASGRFKKTEILT
GSNTEEGYYFIIYYLTELLRKEEGVTVTREEFLQAVRELNPYVNGAARQAIVFEYTDWTEPDNPNSNRDALDKMVGDYHF
TCNVNEFAQRYAEEGNNVYMYLYTHRSKGNPWPRWTGVMHGDEINYVFGEPLNPTLGYTEDEKDFSRKIMRYWSNFAKTG
NPNPNTASSEFPEWPKHTAHGRHYLELGLNTSFVGRGPRLRQCAFWKKYLPQLVAATSNLPG
;
_entity_poly.pdbx_strand_id   A,B
#
# COMPACT_ATOMS: atom_id res chain seq x y z
N ASN A 3 -6.52 27.34 32.09
CA ASN A 3 -6.04 27.67 30.74
C ASN A 3 -5.65 26.41 29.92
N ASP A 4 -6.09 26.39 28.65
CA ASP A 4 -5.91 25.25 27.76
C ASP A 4 -4.63 25.40 26.94
N PRO A 5 -3.56 24.64 27.21
CA PRO A 5 -2.30 24.83 26.45
C PRO A 5 -2.44 24.48 24.97
N LEU A 6 -3.51 23.80 24.55
CA LEU A 6 -3.75 23.47 23.16
C LEU A 6 -4.46 24.58 22.40
N VAL A 7 -4.92 25.63 23.09
CA VAL A 7 -5.41 26.83 22.42
C VAL A 7 -4.27 27.82 22.36
N VAL A 8 -4.04 28.38 21.18
CA VAL A 8 -2.95 29.29 20.93
C VAL A 8 -3.52 30.51 20.24
N ASN A 9 -3.10 31.70 20.69
CA ASN A 9 -3.59 32.95 20.12
C ASN A 9 -2.57 33.39 19.07
N THR A 10 -2.91 33.16 17.79
CA THR A 10 -2.08 33.63 16.69
C THR A 10 -2.43 35.06 16.36
N ASP A 11 -1.59 35.70 15.53
CA ASP A 11 -1.82 37.10 15.17
C ASP A 11 -3.09 37.32 14.36
N LYS A 12 -3.83 36.27 14.02
CA LYS A 12 -5.09 36.46 13.32
C LYS A 12 -6.27 35.87 14.08
N GLY A 13 -6.04 35.23 15.20
CA GLY A 13 -7.11 34.61 15.95
C GLY A 13 -6.61 33.43 16.76
N ARG A 14 -7.54 32.86 17.53
CA ARG A 14 -7.21 31.72 18.36
C ARG A 14 -7.48 30.44 17.58
N ILE A 15 -6.72 29.40 17.93
CA ILE A 15 -6.82 28.10 17.27
C ILE A 15 -6.73 27.04 18.34
N ARG A 16 -7.32 25.87 18.06
CA ARG A 16 -7.29 24.75 18.99
C ARG A 16 -6.64 23.54 18.32
N GLY A 17 -5.62 22.99 18.97
CA GLY A 17 -4.97 21.76 18.55
C GLY A 17 -5.42 20.54 19.35
N ILE A 18 -4.61 19.48 19.29
CA ILE A 18 -4.95 18.20 19.91
C ILE A 18 -3.66 17.46 20.25
N THR A 19 -3.67 16.70 21.36
CA THR A 19 -2.52 15.88 21.72
C THR A 19 -2.66 14.50 21.09
N VAL A 20 -1.59 13.98 20.50
CA VAL A 20 -1.64 12.67 19.84
C VAL A 20 -0.39 11.89 20.22
N ASP A 21 -0.38 10.62 19.84
CA ASP A 21 0.73 9.73 20.12
C ASP A 21 1.67 9.68 18.93
N ALA A 22 2.96 9.69 19.20
CA ALA A 22 3.87 9.22 18.19
C ALA A 22 3.76 7.69 18.06
N PRO A 23 4.02 7.13 16.85
CA PRO A 23 4.30 5.68 16.77
C PRO A 23 5.44 5.27 17.72
N SER A 24 6.18 6.27 18.25
CA SER A 24 7.30 6.17 19.18
C SER A 24 6.90 5.90 20.63
N GLY A 25 5.63 6.09 21.01
CA GLY A 25 5.19 5.96 22.39
C GLY A 25 5.16 7.27 23.16
N LYS A 26 5.84 8.30 22.65
CA LYS A 26 5.81 9.63 23.20
C LYS A 26 4.63 10.43 22.64
N LYS A 27 4.22 11.47 23.35
CA LYS A 27 3.12 12.32 22.93
C LYS A 27 3.62 13.67 22.36
N VAL A 28 2.88 14.24 21.41
CA VAL A 28 3.17 15.55 20.85
C VAL A 28 1.87 16.33 20.74
N ASP A 29 2.00 17.66 20.70
CA ASP A 29 0.86 18.53 20.39
C ASP A 29 0.91 18.95 18.93
N VAL A 30 -0.27 19.14 18.36
CA VAL A 30 -0.41 19.18 16.91
C VAL A 30 -1.44 20.21 16.53
N TRP A 31 -1.13 21.07 15.56
CA TRP A 31 -2.12 22.01 15.01
C TRP A 31 -2.07 21.84 13.50
N LEU A 32 -3.12 21.25 12.93
CA LEU A 32 -3.17 20.93 11.52
C LEU A 32 -4.10 21.89 10.80
N GLY A 33 -3.69 22.35 9.64
CA GLY A 33 -4.59 23.16 8.84
C GLY A 33 -4.77 24.59 9.33
N ILE A 34 -3.70 25.25 9.77
CA ILE A 34 -3.75 26.68 10.10
C ILE A 34 -3.78 27.50 8.82
N PRO A 35 -4.78 28.36 8.57
CA PRO A 35 -4.76 29.15 7.32
C PRO A 35 -3.74 30.29 7.42
N TYR A 36 -3.05 30.54 6.29
CA TYR A 36 -2.09 31.64 6.26
C TYR A 36 -2.32 32.60 5.09
N ALA A 37 -3.33 32.34 4.25
CA ALA A 37 -3.67 33.24 3.16
C ALA A 37 -5.17 33.19 2.95
N GLN A 38 -5.72 34.21 2.28
CA GLN A 38 -7.04 34.08 1.71
C GLN A 38 -7.05 32.92 0.71
N PRO A 39 -8.11 32.11 0.64
CA PRO A 39 -8.20 31.09 -0.42
C PRO A 39 -7.98 31.72 -1.78
N PRO A 40 -7.02 31.22 -2.58
CA PRO A 40 -6.67 31.88 -3.85
C PRO A 40 -7.60 31.49 -5.00
N VAL A 41 -8.90 31.79 -4.83
CA VAL A 41 -9.94 31.33 -5.73
C VAL A 41 -10.58 32.54 -6.42
N GLY A 42 -11.36 32.23 -7.46
CA GLY A 42 -12.04 33.26 -8.21
C GLY A 42 -11.08 34.18 -8.94
N PRO A 43 -11.20 35.48 -8.70
CA PRO A 43 -10.29 36.44 -9.33
C PRO A 43 -8.84 36.30 -8.87
N LEU A 44 -8.61 35.65 -7.73
CA LEU A 44 -7.29 35.50 -7.15
C LEU A 44 -6.49 34.34 -7.73
N ARG A 45 -7.10 33.50 -8.57
CA ARG A 45 -6.34 32.42 -9.22
C ARG A 45 -5.18 33.02 -10.04
N PHE A 46 -4.05 32.30 -10.01
CA PHE A 46 -2.78 32.61 -10.66
C PHE A 46 -2.04 33.77 -10.00
N ARG A 47 -2.63 34.45 -9.05
CA ARG A 47 -2.02 35.65 -8.52
C ARG A 47 -1.36 35.37 -7.17
N HIS A 48 -0.53 36.31 -6.75
CA HIS A 48 0.15 36.14 -5.48
C HIS A 48 -0.86 36.06 -4.33
N PRO A 49 -0.52 35.37 -3.25
CA PRO A 49 -1.45 35.21 -2.12
C PRO A 49 -1.65 36.50 -1.36
N ARG A 50 -2.94 36.70 -0.82
CA ARG A 50 -3.10 37.76 0.18
C ARG A 50 -3.07 37.14 1.57
N PRO A 51 -2.56 37.84 2.59
CA PRO A 51 -2.55 37.27 3.94
C PRO A 51 -3.96 36.93 4.41
N ALA A 52 -4.05 36.08 5.43
CA ALA A 52 -5.36 35.63 5.90
C ALA A 52 -6.05 36.71 6.72
N GLU A 53 -7.36 36.82 6.54
CA GLU A 53 -8.18 37.73 7.34
C GLU A 53 -8.39 37.19 8.75
N LYS A 54 -8.38 38.10 9.72
CA LYS A 54 -8.63 37.84 11.13
C LYS A 54 -9.94 37.07 11.32
N TRP A 55 -9.99 36.21 12.34
CA TRP A 55 -11.23 35.52 12.70
C TRP A 55 -11.50 35.61 14.20
N THR A 56 -12.78 35.73 14.55
CA THR A 56 -13.22 35.64 15.93
C THR A 56 -13.46 34.18 16.33
N GLY A 57 -13.31 33.91 17.62
CA GLY A 57 -13.59 32.60 18.13
C GLY A 57 -12.33 31.77 18.25
N VAL A 58 -12.54 30.46 18.37
CA VAL A 58 -11.43 29.51 18.36
C VAL A 58 -11.63 28.62 17.14
N LEU A 59 -10.65 28.66 16.22
CA LEU A 59 -10.67 27.83 15.03
C LEU A 59 -10.05 26.49 15.40
N ASN A 60 -10.79 25.41 15.15
CA ASN A 60 -10.34 24.05 15.45
C ASN A 60 -9.40 23.63 14.32
N THR A 61 -8.13 23.45 14.66
CA THR A 61 -7.11 23.06 13.69
C THR A 61 -6.63 21.67 14.11
N THR A 62 -7.42 20.65 13.77
CA THR A 62 -7.16 19.30 14.26
C THR A 62 -7.21 18.27 13.15
N THR A 63 -7.56 18.66 11.94
CA THR A 63 -7.74 17.85 10.75
C THR A 63 -6.69 18.22 9.70
N PRO A 64 -6.07 17.24 9.05
CA PRO A 64 -5.13 17.54 7.98
C PRO A 64 -5.81 18.32 6.86
N PRO A 65 -5.16 19.33 6.31
CA PRO A 65 -5.84 20.25 5.39
C PRO A 65 -6.03 19.62 4.01
N ASN A 66 -6.81 20.32 3.18
CA ASN A 66 -6.94 19.98 1.75
C ASN A 66 -5.57 19.97 1.06
N SER A 67 -5.48 19.22 -0.03
CA SER A 67 -4.33 19.21 -0.91
C SER A 67 -4.63 20.12 -2.08
N CYS A 68 -3.58 20.80 -2.60
CA CYS A 68 -3.79 21.66 -3.76
C CYS A 68 -4.08 20.80 -4.97
N VAL A 69 -4.86 21.35 -5.90
CA VAL A 69 -5.30 20.62 -7.07
C VAL A 69 -4.09 20.21 -7.91
N GLN A 70 -4.10 18.95 -8.37
CA GLN A 70 -2.98 18.35 -9.08
C GLN A 70 -3.49 17.07 -9.72
N ILE A 71 -2.79 16.62 -10.76
CA ILE A 71 -3.06 15.32 -11.35
C ILE A 71 -2.74 14.21 -10.34
N VAL A 72 -3.53 13.13 -10.41
CA VAL A 72 -3.34 11.94 -9.60
C VAL A 72 -2.65 10.89 -10.47
N ASP A 73 -1.62 10.24 -9.95
CA ASP A 73 -0.87 9.28 -10.74
C ASP A 73 -1.53 7.92 -10.67
N THR A 74 -1.97 7.40 -11.82
CA THR A 74 -2.60 6.08 -11.86
C THR A 74 -1.86 5.09 -12.77
N VAL A 75 -0.63 5.41 -13.22
CA VAL A 75 0.10 4.57 -14.17
C VAL A 75 0.22 3.14 -13.65
N PHE A 76 0.44 2.96 -12.35
CA PHE A 76 0.61 1.62 -11.78
C PHE A 76 -0.52 1.23 -10.84
N GLY A 77 -1.69 1.85 -10.98
CA GLY A 77 -2.82 1.40 -10.14
C GLY A 77 -2.51 1.60 -8.67
N ASP A 78 -2.87 0.61 -7.86
CA ASP A 78 -2.70 0.73 -6.42
C ASP A 78 -1.31 0.28 -5.91
N PHE A 79 -0.31 0.29 -6.77
CA PHE A 79 1.06 -0.06 -6.34
C PHE A 79 1.53 0.87 -5.21
N PRO A 80 1.90 0.34 -4.03
CA PRO A 80 2.32 1.19 -2.90
C PRO A 80 3.48 2.12 -3.20
N GLY A 81 4.38 1.75 -4.11
CA GLY A 81 5.44 2.67 -4.45
C GLY A 81 4.93 3.94 -5.09
N ALA A 82 3.75 3.91 -5.70
CA ALA A 82 3.18 5.08 -6.34
C ALA A 82 2.12 5.78 -5.48
N THR A 83 1.24 5.03 -4.82
CA THR A 83 0.18 5.66 -4.06
C THR A 83 0.70 6.46 -2.87
N MET A 84 1.89 6.11 -2.36
CA MET A 84 2.47 6.88 -1.25
C MET A 84 2.74 8.34 -1.60
N TRP A 85 2.77 8.71 -2.89
CA TRP A 85 3.01 10.09 -3.32
C TRP A 85 1.78 10.80 -3.84
N ASN A 86 0.64 10.17 -3.87
CA ASN A 86 -0.61 10.76 -4.30
C ASN A 86 -1.31 11.49 -3.14
N PRO A 87 -2.08 12.54 -3.44
CA PRO A 87 -2.79 13.26 -2.37
C PRO A 87 -3.66 12.31 -1.55
N ASN A 88 -3.58 12.45 -0.23
CA ASN A 88 -4.35 11.65 0.71
C ASN A 88 -5.41 12.47 1.45
N THR A 89 -5.75 13.66 0.96
CA THR A 89 -6.79 14.52 1.51
C THR A 89 -7.49 15.14 0.31
N PRO A 90 -8.68 15.72 0.51
CA PRO A 90 -9.43 16.20 -0.66
C PRO A 90 -8.69 17.29 -1.41
N LEU A 91 -8.85 17.29 -2.73
CA LEU A 91 -8.25 18.30 -3.59
C LEU A 91 -9.10 19.56 -3.63
N SER A 92 -8.46 20.72 -3.47
CA SER A 92 -9.20 21.98 -3.52
C SER A 92 -8.25 23.12 -3.85
N GLU A 93 -8.75 24.16 -4.55
CA GLU A 93 -7.98 25.39 -4.66
C GLU A 93 -7.84 26.08 -3.30
N ASP A 94 -8.73 25.79 -2.37
CA ASP A 94 -8.63 26.32 -1.00
C ASP A 94 -7.66 25.39 -0.26
N CYS A 95 -6.35 25.66 -0.41
CA CYS A 95 -5.35 24.75 0.13
C CYS A 95 -4.20 25.42 0.87
N LEU A 96 -4.24 26.72 1.10
CA LEU A 96 -3.10 27.42 1.69
C LEU A 96 -3.12 27.32 3.23
N TYR A 97 -2.48 26.28 3.76
CA TYR A 97 -2.50 25.98 5.18
C TYR A 97 -1.12 25.59 5.65
N ILE A 98 -0.90 25.71 6.95
CA ILE A 98 0.32 25.33 7.63
C ILE A 98 -0.01 24.29 8.70
N ASN A 99 0.93 23.38 8.98
CA ASN A 99 0.83 22.46 10.10
C ASN A 99 1.99 22.71 11.05
N VAL A 100 1.73 22.65 12.36
CA VAL A 100 2.76 22.80 13.40
C VAL A 100 2.66 21.61 14.33
N VAL A 101 3.81 21.09 14.74
CA VAL A 101 3.87 19.95 15.65
C VAL A 101 4.95 20.20 16.69
N ALA A 102 4.57 20.23 17.97
CA ALA A 102 5.52 20.55 19.02
C ALA A 102 5.72 19.36 19.94
N PRO A 103 6.91 19.19 20.49
CA PRO A 103 7.15 18.12 21.47
C PRO A 103 6.37 18.38 22.76
N ARG A 104 6.42 17.37 23.65
CA ARG A 104 5.87 17.41 25.02
C ARG A 104 6.97 16.96 25.97
N PRO A 105 7.27 17.73 27.03
CA PRO A 105 6.59 19.00 27.35
C PRO A 105 7.01 20.09 26.38
N ARG A 106 6.17 21.13 26.22
CA ARG A 106 6.42 22.13 25.20
C ARG A 106 7.72 22.89 25.50
N PRO A 107 8.64 23.01 24.54
CA PRO A 107 9.86 23.79 24.78
C PRO A 107 9.55 25.29 24.77
N LYS A 108 10.56 26.07 25.11
CA LYS A 108 10.47 27.54 25.12
C LYS A 108 11.03 28.16 23.84
N ASN A 109 12.23 27.75 23.44
CA ASN A 109 12.94 28.31 22.30
C ASN A 109 13.59 27.19 21.52
N ALA A 110 12.78 26.26 21.02
CA ALA A 110 13.33 25.15 20.29
C ALA A 110 13.68 25.55 18.86
N ALA A 111 14.63 24.83 18.27
CA ALA A 111 14.87 24.94 16.84
C ALA A 111 13.65 24.47 16.06
N VAL A 112 13.47 25.03 14.86
CA VAL A 112 12.29 24.83 14.03
C VAL A 112 12.71 24.27 12.68
N MET A 113 12.23 23.08 12.34
CA MET A 113 12.49 22.48 11.05
C MET A 113 11.24 22.61 10.18
N LEU A 114 11.36 23.33 9.07
CA LEU A 114 10.23 23.66 8.21
C LEU A 114 10.38 22.91 6.88
N TRP A 115 9.46 21.98 6.61
CA TRP A 115 9.52 21.10 5.43
C TRP A 115 8.82 21.72 4.21
N ILE A 116 9.47 21.64 3.04
CA ILE A 116 8.82 22.03 1.79
C ILE A 116 8.87 20.83 0.84
N PHE A 117 7.69 20.31 0.50
CA PHE A 117 7.61 19.07 -0.24
C PHE A 117 8.01 19.25 -1.70
N GLY A 118 8.49 18.17 -2.30
CA GLY A 118 8.73 18.12 -3.73
C GLY A 118 7.60 17.44 -4.50
N GLY A 119 7.87 17.19 -5.78
CA GLY A 119 6.84 16.67 -6.68
C GLY A 119 6.84 17.36 -8.02
N SER A 120 8.03 17.84 -8.44
CA SER A 120 8.26 18.37 -9.78
C SER A 120 7.48 19.65 -10.07
N PHE A 121 7.09 20.38 -9.02
CA PHE A 121 6.31 21.61 -9.10
C PHE A 121 4.91 21.43 -9.69
N TYR A 122 4.45 20.18 -9.91
CA TYR A 122 3.04 19.96 -10.31
C TYR A 122 2.29 18.98 -9.42
N SER A 123 2.92 18.46 -8.38
CA SER A 123 2.25 17.51 -7.52
C SER A 123 2.84 17.66 -6.13
N GLY A 124 2.18 17.02 -5.16
CA GLY A 124 2.72 16.95 -3.81
C GLY A 124 1.82 17.61 -2.80
N THR A 125 2.02 17.30 -1.52
CA THR A 125 1.20 17.89 -0.47
C THR A 125 1.90 17.66 0.84
N ALA A 126 1.71 18.57 1.79
CA ALA A 126 2.32 18.41 3.09
C ALA A 126 1.67 17.32 3.91
N THR A 127 0.49 16.82 3.50
CA THR A 127 -0.27 15.88 4.33
C THR A 127 0.11 14.41 4.16
N LEU A 128 1.04 14.08 3.26
CA LEU A 128 1.39 12.69 3.02
C LEU A 128 1.84 11.98 4.29
N ASP A 129 1.44 10.71 4.43
CA ASP A 129 1.83 9.92 5.60
C ASP A 129 3.34 9.82 5.72
N VAL A 130 4.05 9.79 4.60
CA VAL A 130 5.50 9.64 4.65
C VAL A 130 6.15 10.89 5.26
N TYR A 131 5.46 12.04 5.26
CA TYR A 131 5.94 13.27 5.89
C TYR A 131 5.45 13.46 7.32
N ASP A 132 4.77 12.47 7.91
CA ASP A 132 4.23 12.65 9.25
C ASP A 132 5.29 13.15 10.22
N HIS A 133 4.97 14.25 10.93
CA HIS A 133 5.96 15.04 11.67
C HIS A 133 6.25 14.52 13.08
N ARG A 134 5.49 13.55 13.57
CA ARG A 134 5.49 13.31 15.02
C ARG A 134 6.77 12.67 15.50
N ALA A 135 7.35 11.73 14.74
CA ALA A 135 8.56 11.08 15.21
C ALA A 135 9.72 12.08 15.27
N LEU A 136 9.86 12.91 14.24
CA LEU A 136 11.01 13.81 14.22
C LEU A 136 10.91 14.81 15.37
N ALA A 137 9.72 15.36 15.59
CA ALA A 137 9.53 16.32 16.68
C ALA A 137 9.81 15.68 18.04
N SER A 138 9.24 14.49 18.29
CA SER A 138 9.39 13.96 19.63
C SER A 138 10.75 13.32 19.86
N GLU A 139 11.35 12.70 18.85
CA GLU A 139 12.67 12.12 19.11
C GLU A 139 13.77 13.17 19.18
N GLU A 140 13.61 14.33 18.54
CA GLU A 140 14.73 15.26 18.45
C GLU A 140 14.46 16.58 19.15
N ASN A 141 13.25 16.78 19.69
CA ASN A 141 12.91 17.98 20.44
C ASN A 141 13.00 19.24 19.60
N VAL A 142 12.38 19.22 18.43
CA VAL A 142 12.30 20.38 17.56
C VAL A 142 10.83 20.59 17.21
N ILE A 143 10.48 21.84 16.92
CA ILE A 143 9.20 22.15 16.31
C ILE A 143 9.31 21.79 14.84
N VAL A 144 8.34 21.03 14.32
CA VAL A 144 8.32 20.64 12.92
C VAL A 144 7.13 21.32 12.26
N VAL A 145 7.38 22.04 11.16
CA VAL A 145 6.36 22.78 10.45
C VAL A 145 6.37 22.32 9.00
N SER A 146 5.19 22.34 8.38
CA SER A 146 5.06 22.08 6.95
C SER A 146 4.01 23.05 6.40
N LEU A 147 4.09 23.28 5.09
CA LEU A 147 3.20 24.23 4.45
C LEU A 147 2.71 23.62 3.14
N GLN A 148 1.54 24.05 2.72
CA GLN A 148 1.09 23.81 1.37
C GLN A 148 1.49 24.99 0.51
N TYR A 149 1.64 24.75 -0.79
CA TYR A 149 1.77 25.82 -1.75
C TYR A 149 1.16 25.32 -3.05
N ARG A 150 0.70 26.26 -3.88
CA ARG A 150 0.08 25.87 -5.14
C ARG A 150 1.11 25.25 -6.08
N VAL A 151 0.70 24.19 -6.78
CA VAL A 151 1.55 23.52 -7.77
C VAL A 151 0.91 23.66 -9.16
N ALA A 152 1.61 23.17 -10.18
CA ALA A 152 1.12 23.13 -11.56
C ALA A 152 0.83 24.52 -12.10
N SER A 153 0.01 24.61 -13.17
CA SER A 153 -0.29 25.92 -13.74
C SER A 153 -0.95 26.84 -12.71
N LEU A 154 -1.65 26.28 -11.73
CA LEU A 154 -2.25 27.11 -10.69
C LEU A 154 -1.19 27.79 -9.83
N GLY A 155 0.02 27.25 -9.76
CA GLY A 155 1.04 27.84 -8.93
C GLY A 155 2.08 28.58 -9.72
N PHE A 156 2.21 28.27 -11.03
CA PHE A 156 3.37 28.76 -11.77
C PHE A 156 3.06 29.24 -13.17
N LEU A 157 1.79 29.39 -13.53
CA LEU A 157 1.44 30.09 -14.77
C LEU A 157 2.12 31.46 -14.84
N PHE A 158 2.73 31.73 -16.01
CA PHE A 158 3.38 33.01 -16.27
C PHE A 158 3.00 33.50 -17.65
N LEU A 159 2.58 34.77 -17.73
CA LEU A 159 2.32 35.42 -19.00
C LEU A 159 2.99 36.79 -19.13
N GLY A 160 3.69 37.25 -18.11
CA GLY A 160 4.29 38.56 -18.17
C GLY A 160 3.30 39.68 -18.00
N THR A 161 2.13 39.41 -17.42
CA THR A 161 1.12 40.41 -17.10
C THR A 161 0.87 40.41 -15.60
N PRO A 162 0.34 41.51 -15.06
CA PRO A 162 0.09 41.55 -13.62
C PRO A 162 -0.86 40.46 -13.13
N GLU A 163 -1.78 39.96 -13.97
CA GLU A 163 -2.72 38.94 -13.53
C GLU A 163 -2.20 37.51 -13.74
N ALA A 164 -1.01 37.34 -14.32
CA ALA A 164 -0.32 36.05 -14.36
C ALA A 164 1.16 36.30 -14.22
N PRO A 165 1.61 36.75 -13.04
CA PRO A 165 2.98 37.26 -12.88
C PRO A 165 4.05 36.20 -12.66
N GLY A 166 3.67 34.95 -12.48
CA GLY A 166 4.60 33.85 -12.24
C GLY A 166 4.90 33.68 -10.77
N ASN A 167 5.38 32.48 -10.43
CA ASN A 167 5.94 32.18 -9.12
C ASN A 167 4.95 32.32 -7.96
N ALA A 168 3.63 32.22 -8.22
CA ALA A 168 2.64 32.28 -7.15
C ALA A 168 2.96 31.28 -6.04
N GLY A 169 3.30 30.04 -6.41
CA GLY A 169 3.64 29.03 -5.39
C GLY A 169 4.84 29.41 -4.55
N LEU A 170 5.78 30.18 -5.12
CA LEU A 170 6.92 30.62 -4.32
C LEU A 170 6.51 31.75 -3.38
N PHE A 171 5.69 32.68 -3.87
CA PHE A 171 5.10 33.67 -2.97
C PHE A 171 4.24 33.02 -1.88
N ASP A 172 3.57 31.90 -2.18
CA ASP A 172 2.88 31.15 -1.11
C ASP A 172 3.87 30.74 -0.02
N GLN A 173 4.95 30.06 -0.41
CA GLN A 173 5.95 29.65 0.57
C GLN A 173 6.50 30.85 1.34
N ASN A 174 6.72 31.98 0.66
CA ASN A 174 7.24 33.16 1.36
C ASN A 174 6.26 33.63 2.44
N LEU A 175 4.97 33.68 2.12
CA LEU A 175 3.99 34.09 3.12
C LEU A 175 3.95 33.12 4.29
N ALA A 176 4.06 31.82 4.01
CA ALA A 176 4.10 30.88 5.12
C ALA A 176 5.32 31.09 5.98
N LEU A 177 6.48 31.38 5.36
CA LEU A 177 7.69 31.71 6.13
C LEU A 177 7.45 32.91 7.02
N ARG A 178 6.78 33.94 6.49
N ARG A 178 6.80 33.95 6.48
CA ARG A 178 6.43 35.11 7.30
CA ARG A 178 6.46 35.09 7.33
C ARG A 178 5.51 34.74 8.46
C ARG A 178 5.57 34.66 8.50
N TRP A 179 4.55 33.84 8.22
CA TRP A 179 3.66 33.40 9.30
C TRP A 179 4.47 32.77 10.41
N VAL A 180 5.43 31.92 10.04
CA VAL A 180 6.25 31.22 11.03
C VAL A 180 7.05 32.20 11.87
N ARG A 181 7.62 33.23 11.25
CA ARG A 181 8.44 34.14 12.04
C ARG A 181 7.56 34.95 12.98
N ASP A 182 6.36 35.31 12.53
CA ASP A 182 5.45 36.07 13.38
C ASP A 182 4.82 35.23 14.49
N ASN A 183 4.80 33.89 14.39
CA ASN A 183 3.96 33.09 15.28
C ASN A 183 4.64 31.93 15.98
N ILE A 184 5.77 31.43 15.50
CA ILE A 184 6.19 30.11 15.97
C ILE A 184 6.61 30.16 17.43
N HIS A 185 6.87 31.35 17.96
CA HIS A 185 7.27 31.43 19.36
C HIS A 185 6.11 31.16 20.30
N ARG A 186 4.87 31.39 19.83
CA ARG A 186 3.67 31.00 20.55
C ARG A 186 3.51 29.50 20.67
N PHE A 187 4.25 28.73 19.89
CA PHE A 187 4.21 27.28 19.96
C PHE A 187 5.45 26.70 20.59
N GLY A 188 6.37 27.55 21.06
CA GLY A 188 7.58 27.08 21.68
C GLY A 188 8.81 27.05 20.79
N GLY A 189 8.75 27.70 19.61
CA GLY A 189 9.86 27.72 18.70
C GLY A 189 10.59 29.05 18.70
N ASP A 190 11.87 29.01 18.38
CA ASP A 190 12.66 30.22 18.25
C ASP A 190 12.61 30.70 16.80
N PRO A 191 11.95 31.81 16.50
CA PRO A 191 11.85 32.24 15.08
C PRO A 191 13.20 32.62 14.46
N SER A 192 14.28 32.73 15.23
N SER A 192 14.27 32.72 15.23
CA SER A 192 15.61 32.94 14.68
CA SER A 192 15.61 32.94 14.70
C SER A 192 16.37 31.64 14.48
C SER A 192 16.37 31.64 14.48
N ARG A 193 15.70 30.49 14.61
CA ARG A 193 16.34 29.18 14.43
C ARG A 193 15.53 28.27 13.50
N VAL A 194 15.05 28.84 12.40
CA VAL A 194 14.28 28.12 11.38
C VAL A 194 15.26 27.52 10.36
N THR A 195 15.31 26.19 10.27
CA THR A 195 15.98 25.48 9.18
C THR A 195 14.94 25.06 8.15
N LEU A 196 15.09 25.52 6.91
CA LEU A 196 14.26 25.00 5.84
C LEU A 196 14.82 23.66 5.39
N PHE A 197 13.97 22.65 5.19
CA PHE A 197 14.44 21.47 4.48
C PHE A 197 13.39 21.02 3.48
N GLY A 198 13.88 20.43 2.39
CA GLY A 198 13.03 20.01 1.29
C GLY A 198 13.75 18.99 0.44
N GLU A 199 12.97 18.28 -0.36
CA GLU A 199 13.51 17.26 -1.23
C GLU A 199 13.00 17.54 -2.64
N SER A 200 13.90 17.39 -3.64
CA SER A 200 13.52 17.53 -5.05
C SER A 200 13.10 18.97 -5.39
N ALA A 201 11.88 19.17 -5.93
CA ALA A 201 11.39 20.52 -6.17
C ALA A 201 11.25 21.30 -4.88
N GLY A 202 11.07 20.61 -3.75
CA GLY A 202 11.13 21.28 -2.46
C GLY A 202 12.53 21.76 -2.10
N ALA A 203 13.56 21.01 -2.50
CA ALA A 203 14.93 21.49 -2.32
C ALA A 203 15.23 22.68 -3.23
N VAL A 204 14.78 22.62 -4.49
CA VAL A 204 14.91 23.78 -5.36
C VAL A 204 14.29 24.99 -4.69
N SER A 205 13.05 24.82 -4.21
CA SER A 205 12.33 25.87 -3.50
C SER A 205 13.18 26.44 -2.36
N VAL A 206 13.68 25.57 -1.49
CA VAL A 206 14.58 26.00 -0.42
C VAL A 206 15.72 26.83 -0.98
N SER A 207 16.37 26.33 -2.04
CA SER A 207 17.53 27.04 -2.57
C SER A 207 17.14 28.41 -3.13
N LEU A 208 15.93 28.52 -3.69
CA LEU A 208 15.46 29.81 -4.18
C LEU A 208 15.18 30.78 -3.03
N HIS A 209 14.79 30.28 -1.85
CA HIS A 209 14.77 31.16 -0.68
C HIS A 209 16.17 31.57 -0.21
N LEU A 210 17.23 30.81 -0.56
CA LEU A 210 18.59 31.23 -0.25
C LEU A 210 19.04 32.35 -1.16
N LEU A 211 18.34 32.56 -2.27
CA LEU A 211 18.65 33.63 -3.19
C LEU A 211 17.74 34.84 -3.01
N SER A 212 16.43 34.65 -2.80
CA SER A 212 15.48 35.77 -2.89
C SER A 212 15.74 36.82 -1.83
N ALA A 213 15.67 38.09 -2.23
CA ALA A 213 15.71 39.15 -1.22
C ALA A 213 14.46 39.18 -0.34
N LEU A 214 13.33 38.62 -0.80
CA LEU A 214 12.12 38.61 0.04
C LEU A 214 12.20 37.60 1.16
N SER A 215 13.01 36.54 1.00
CA SER A 215 13.11 35.49 2.02
C SER A 215 14.35 35.61 2.87
N ARG A 216 15.27 36.53 2.53
CA ARG A 216 16.61 36.52 3.11
C ARG A 216 16.59 36.50 4.64
N ASP A 217 15.67 37.24 5.26
CA ASP A 217 15.66 37.34 6.72
C ASP A 217 14.64 36.43 7.39
N LEU A 218 14.06 35.50 6.64
CA LEU A 218 12.96 34.70 7.17
C LEU A 218 13.41 33.35 7.71
N PHE A 219 14.70 33.00 7.65
CA PHE A 219 15.12 31.69 8.15
C PHE A 219 16.63 31.73 8.38
N GLN A 220 17.15 30.69 9.02
CA GLN A 220 18.53 30.64 9.45
C GLN A 220 19.42 29.75 8.58
N ARG A 221 19.06 28.50 8.29
CA ARG A 221 19.92 27.67 7.45
C ARG A 221 19.04 26.72 6.62
N ALA A 222 19.66 25.85 5.83
CA ALA A 222 18.93 25.10 4.81
C ALA A 222 19.49 23.70 4.63
N ILE A 223 18.58 22.73 4.42
CA ILE A 223 18.91 21.36 4.06
C ILE A 223 18.30 21.09 2.69
N LEU A 224 19.08 20.60 1.74
CA LEU A 224 18.61 20.41 0.37
C LEU A 224 18.87 18.98 -0.07
N GLN A 225 17.79 18.18 -0.14
CA GLN A 225 17.86 16.78 -0.54
C GLN A 225 17.57 16.66 -2.04
N SER A 226 18.60 16.30 -2.83
CA SER A 226 18.47 15.91 -4.24
C SER A 226 17.77 16.97 -5.06
N GLY A 227 18.20 18.21 -4.93
CA GLY A 227 17.60 19.28 -5.71
C GLY A 227 18.50 20.50 -5.62
N SER A 228 18.63 21.26 -6.70
CA SER A 228 19.49 22.44 -6.79
C SER A 228 18.92 23.39 -7.84
N PRO A 229 19.10 24.70 -7.66
CA PRO A 229 18.51 25.66 -8.60
C PRO A 229 19.21 25.74 -9.95
N THR A 230 20.34 25.06 -10.13
CA THR A 230 20.99 24.99 -11.44
C THR A 230 20.53 23.79 -12.26
N ALA A 231 19.63 22.96 -11.71
CA ALA A 231 19.15 21.81 -12.45
C ALA A 231 18.42 22.30 -13.70
N PRO A 232 18.51 21.59 -14.82
CA PRO A 232 17.88 22.11 -16.06
C PRO A 232 16.36 22.21 -15.98
N TRP A 233 15.71 21.45 -15.10
CA TRP A 233 14.25 21.51 -14.93
C TRP A 233 13.78 22.53 -13.89
N ALA A 234 14.70 23.17 -13.16
CA ALA A 234 14.34 24.00 -12.01
C ALA A 234 13.69 25.33 -12.40
N LEU A 235 14.03 25.88 -13.56
CA LEU A 235 13.47 27.13 -14.04
C LEU A 235 13.20 27.03 -15.53
N VAL A 236 12.36 27.94 -16.01
CA VAL A 236 12.04 28.03 -17.42
C VAL A 236 12.19 29.49 -17.80
N SER A 237 12.61 29.75 -19.05
CA SER A 237 12.70 31.13 -19.48
C SER A 237 11.30 31.79 -19.50
N ARG A 238 11.30 33.11 -19.40
CA ARG A 238 10.06 33.87 -19.46
C ARG A 238 9.40 33.70 -20.82
N GLU A 239 10.22 33.66 -21.88
CA GLU A 239 9.69 33.51 -23.23
C GLU A 239 9.03 32.15 -23.41
N GLU A 240 9.66 31.10 -22.90
CA GLU A 240 9.09 29.77 -23.05
C GLU A 240 7.88 29.60 -22.14
N ALA A 241 7.95 30.15 -20.94
CA ALA A 241 6.81 30.09 -20.03
C ALA A 241 5.57 30.71 -20.67
N THR A 242 5.74 31.85 -21.37
CA THR A 242 4.59 32.49 -21.99
C THR A 242 3.95 31.58 -23.03
N LEU A 243 4.77 30.90 -23.84
CA LEU A 243 4.23 29.98 -24.85
C LEU A 243 3.52 28.79 -24.23
N ARG A 244 4.08 28.19 -23.17
CA ARG A 244 3.43 27.07 -22.53
C ARG A 244 2.08 27.46 -21.94
N ALA A 245 1.99 28.68 -21.39
CA ALA A 245 0.72 29.16 -20.88
C ALA A 245 -0.28 29.32 -22.01
N LEU A 246 0.14 29.93 -23.11
CA LEU A 246 -0.73 30.08 -24.27
C LEU A 246 -1.11 28.72 -24.84
N ARG A 247 -0.18 27.76 -24.88
CA ARG A 247 -0.54 26.40 -25.30
C ARG A 247 -1.59 25.81 -24.39
N LEU A 248 -1.49 26.04 -23.07
CA LEU A 248 -2.51 25.56 -22.16
C LEU A 248 -3.85 26.22 -22.44
N ALA A 249 -3.84 27.53 -22.73
CA ALA A 249 -5.07 28.22 -23.05
C ALA A 249 -5.72 27.61 -24.30
N GLU A 250 -4.90 27.34 -25.33
CA GLU A 250 -5.43 26.69 -26.53
C GLU A 250 -6.01 25.32 -26.19
N ALA A 251 -5.27 24.50 -25.45
CA ALA A 251 -5.69 23.13 -25.19
C ALA A 251 -7.04 23.03 -24.48
N VAL A 252 -7.42 24.05 -23.68
CA VAL A 252 -8.68 24.01 -22.95
C VAL A 252 -9.75 24.89 -23.60
N GLY A 253 -9.50 25.42 -24.80
CA GLY A 253 -10.51 26.13 -25.56
C GLY A 253 -10.59 27.62 -25.32
N CYS A 254 -9.55 28.23 -24.81
CA CYS A 254 -9.55 29.64 -24.47
C CYS A 254 -8.90 30.45 -25.58
N PRO A 255 -9.15 31.76 -25.61
CA PRO A 255 -8.38 32.63 -26.51
C PRO A 255 -6.90 32.54 -26.15
N HIS A 256 -6.05 32.64 -27.17
CA HIS A 256 -4.63 32.40 -26.94
C HIS A 256 -3.79 33.27 -27.86
N GLU A 257 -4.17 34.52 -28.01
CA GLU A 257 -3.39 35.38 -28.89
C GLU A 257 -2.32 36.13 -28.10
N PRO A 258 -1.04 36.07 -28.53
CA PRO A 258 0.04 36.75 -27.78
C PRO A 258 -0.20 38.24 -27.52
N SER A 259 -1.09 38.84 -28.29
CA SER A 259 -1.35 40.28 -28.22
C SER A 259 -2.47 40.66 -27.26
N LYS A 260 -3.38 39.74 -26.91
CA LYS A 260 -4.44 40.03 -25.94
C LYS A 260 -4.36 39.03 -24.80
N LEU A 261 -3.38 39.24 -23.91
CA LEU A 261 -3.23 38.34 -22.78
C LEU A 261 -4.36 38.49 -21.76
N SER A 262 -5.04 39.64 -21.74
CA SER A 262 -6.16 39.79 -20.81
C SER A 262 -7.24 38.76 -21.10
N ASP A 263 -7.55 38.53 -22.38
CA ASP A 263 -8.61 37.59 -22.73
C ASP A 263 -8.26 36.17 -22.29
N ALA A 264 -6.97 35.79 -22.42
CA ALA A 264 -6.56 34.44 -22.07
C ALA A 264 -6.63 34.21 -20.56
N VAL A 265 -6.14 35.15 -19.77
CA VAL A 265 -6.17 34.94 -18.32
C VAL A 265 -7.60 34.88 -17.82
N GLU A 266 -8.48 35.73 -18.36
CA GLU A 266 -9.84 35.80 -17.84
C GLU A 266 -10.61 34.52 -18.15
N CYS A 267 -10.46 33.99 -19.36
CA CYS A 267 -11.02 32.68 -19.68
C CYS A 267 -10.42 31.59 -18.78
N LEU A 268 -9.09 31.58 -18.62
CA LEU A 268 -8.47 30.54 -17.80
C LEU A 268 -8.99 30.61 -16.37
N ARG A 269 -9.28 31.80 -15.86
CA ARG A 269 -9.81 31.90 -14.50
C ARG A 269 -11.20 31.29 -14.40
N GLY A 270 -11.87 31.06 -15.52
CA GLY A 270 -13.21 30.48 -15.42
C GLY A 270 -13.25 28.98 -15.54
N LYS A 271 -12.15 28.33 -15.95
CA LYS A 271 -12.14 26.89 -16.16
C LYS A 271 -12.11 26.14 -14.84
N ASP A 272 -12.57 24.89 -14.89
CA ASP A 272 -12.45 24.01 -13.74
C ASP A 272 -10.97 23.72 -13.46
N PRO A 273 -10.54 23.75 -12.20
CA PRO A 273 -9.09 23.59 -11.92
C PRO A 273 -8.54 22.23 -12.32
N HIS A 274 -9.33 21.16 -12.20
CA HIS A 274 -8.88 19.84 -12.66
C HIS A 274 -8.71 19.82 -14.18
N VAL A 275 -9.55 20.55 -14.92
CA VAL A 275 -9.32 20.61 -16.37
C VAL A 275 -7.97 21.30 -16.68
N LEU A 276 -7.61 22.30 -15.88
CA LEU A 276 -6.35 23.00 -16.15
C LEU A 276 -5.14 22.09 -15.96
N VAL A 277 -5.03 21.42 -14.81
CA VAL A 277 -3.83 20.64 -14.53
C VAL A 277 -3.77 19.41 -15.43
N ASN A 278 -4.91 18.90 -15.88
CA ASN A 278 -4.90 17.69 -16.69
C ASN A 278 -4.56 17.94 -18.16
N ASN A 279 -4.40 19.20 -18.56
CA ASN A 279 -4.08 19.52 -19.95
C ASN A 279 -2.72 20.21 -20.10
N GLU A 280 -1.84 20.04 -19.13
CA GLU A 280 -0.56 20.75 -19.22
C GLU A 280 0.49 19.97 -19.99
N TRP A 281 0.21 18.72 -20.34
CA TRP A 281 1.26 17.77 -20.68
C TRP A 281 1.34 17.61 -22.19
N GLY A 282 2.18 18.46 -22.80
CA GLY A 282 2.41 18.37 -24.22
C GLY A 282 3.53 17.41 -24.56
N THR A 283 4.34 17.79 -25.53
CA THR A 283 5.50 17.01 -25.91
C THR A 283 6.68 17.58 -25.13
N LEU A 284 7.03 16.90 -24.04
CA LEU A 284 8.16 17.29 -23.19
C LEU A 284 9.06 16.09 -22.97
N GLY A 285 10.36 16.34 -22.93
CA GLY A 285 11.32 15.29 -22.66
C GLY A 285 11.33 14.84 -21.20
N ILE A 286 12.26 13.93 -20.90
CA ILE A 286 12.37 13.44 -19.55
C ILE A 286 12.84 14.57 -18.63
N CYS A 287 12.28 14.62 -17.41
CA CYS A 287 12.66 15.64 -16.43
C CYS A 287 12.44 17.05 -16.98
N GLU A 288 11.40 17.23 -17.76
CA GLU A 288 10.94 18.54 -18.20
C GLU A 288 9.52 18.72 -17.67
N PHE A 289 9.35 19.70 -16.78
CA PHE A 289 8.07 19.91 -16.17
C PHE A 289 7.46 21.21 -16.67
N PRO A 290 6.17 21.23 -17.03
CA PRO A 290 5.63 22.38 -17.80
C PRO A 290 5.60 23.71 -17.04
N PHE A 291 5.21 23.72 -15.77
CA PHE A 291 5.03 24.98 -15.03
C PHE A 291 5.90 24.97 -13.80
N VAL A 292 6.96 25.77 -13.83
CA VAL A 292 8.00 25.79 -12.81
C VAL A 292 8.40 27.25 -12.57
N PRO A 293 9.28 27.54 -11.62
CA PRO A 293 9.68 28.93 -11.38
C PRO A 293 10.22 29.66 -12.62
N VAL A 294 10.00 30.97 -12.65
CA VAL A 294 10.63 31.88 -13.61
C VAL A 294 11.39 32.97 -12.83
N VAL A 295 12.20 33.74 -13.56
CA VAL A 295 12.77 34.98 -13.06
C VAL A 295 11.73 36.08 -13.26
N ASP A 296 11.11 36.55 -12.18
CA ASP A 296 9.92 37.39 -12.33
C ASP A 296 10.19 38.86 -12.16
N GLY A 297 11.24 39.24 -11.42
CA GLY A 297 11.55 40.61 -11.11
C GLY A 297 11.41 40.94 -9.65
N ALA A 298 10.66 40.14 -8.89
CA ALA A 298 10.40 40.45 -7.50
C ALA A 298 10.84 39.33 -6.56
N PHE A 299 10.44 38.08 -6.83
CA PHE A 299 10.97 36.99 -6.02
C PHE A 299 12.43 36.69 -6.42
N LEU A 300 12.68 36.61 -7.73
CA LEU A 300 14.03 36.60 -8.30
C LEU A 300 14.14 37.68 -9.36
N ASP A 301 15.28 38.37 -9.44
CA ASP A 301 15.46 39.28 -10.55
C ASP A 301 16.70 38.97 -11.38
N GLU A 302 17.28 37.77 -11.20
CA GLU A 302 18.32 37.24 -12.07
C GLU A 302 18.27 35.73 -11.94
N THR A 303 18.83 35.04 -12.95
CA THR A 303 18.91 33.59 -12.90
C THR A 303 19.73 33.15 -11.69
N PRO A 304 19.44 31.97 -11.13
CA PRO A 304 20.30 31.43 -10.07
C PRO A 304 21.77 31.38 -10.44
N GLN A 305 22.11 31.04 -11.70
CA GLN A 305 23.54 30.93 -12.00
C GLN A 305 24.21 32.29 -11.93
N ARG A 306 23.49 33.37 -12.26
CA ARG A 306 24.06 34.71 -12.09
C ARG A 306 24.18 35.10 -10.62
N SER A 307 23.27 34.66 -9.77
CA SER A 307 23.43 34.91 -8.34
C SER A 307 24.62 34.13 -7.81
N LEU A 308 24.78 32.90 -8.27
CA LEU A 308 25.87 32.09 -7.76
C LEU A 308 27.21 32.67 -8.21
N ALA A 309 27.30 33.07 -9.49
CA ALA A 309 28.57 33.57 -10.00
C ALA A 309 29.01 34.82 -9.24
N SER A 310 28.06 35.63 -8.80
CA SER A 310 28.37 36.91 -8.17
C SER A 310 28.38 36.85 -6.65
N GLY A 311 28.07 35.71 -6.03
CA GLY A 311 28.01 35.67 -4.58
C GLY A 311 26.78 36.30 -3.94
N ARG A 312 25.74 36.61 -4.73
CA ARG A 312 24.50 37.18 -4.19
C ARG A 312 23.59 36.05 -3.70
N PHE A 313 23.92 35.53 -2.53
CA PHE A 313 23.10 34.51 -1.89
C PHE A 313 23.38 34.55 -0.40
N LYS A 314 22.46 33.96 0.35
CA LYS A 314 22.49 34.03 1.80
C LYS A 314 23.74 33.35 2.37
N LYS A 315 24.38 34.00 3.34
CA LYS A 315 25.56 33.45 3.97
C LYS A 315 25.11 32.64 5.16
N THR A 316 25.17 31.32 5.01
CA THR A 316 24.73 30.41 6.06
C THR A 316 25.26 29.02 5.70
N GLU A 317 25.11 28.09 6.64
CA GLU A 317 25.51 26.70 6.41
C GLU A 317 24.44 25.99 5.60
N ILE A 318 24.85 24.97 4.84
CA ILE A 318 23.88 24.11 4.16
C ILE A 318 24.35 22.67 4.30
N LEU A 319 23.37 21.76 4.30
CA LEU A 319 23.58 20.32 4.28
C LEU A 319 22.79 19.80 3.09
N THR A 320 23.43 18.98 2.26
CA THR A 320 22.85 18.64 0.98
C THR A 320 23.40 17.29 0.51
N GLY A 321 22.73 16.67 -0.46
CA GLY A 321 23.21 15.38 -0.93
C GLY A 321 22.34 14.79 -2.03
N SER A 322 22.73 13.57 -2.43
CA SER A 322 22.15 12.84 -3.55
C SER A 322 22.05 11.38 -3.14
N ASN A 323 21.21 10.65 -3.87
CA ASN A 323 21.06 9.20 -3.79
C ASN A 323 21.77 8.53 -4.96
N THR A 324 22.04 7.22 -4.83
CA THR A 324 22.87 6.59 -5.87
C THR A 324 22.12 6.35 -7.17
N GLU A 325 20.79 6.17 -7.17
CA GLU A 325 20.03 5.94 -8.43
C GLU A 325 19.00 7.04 -8.64
N GLU A 326 19.49 8.24 -8.96
CA GLU A 326 18.57 9.38 -9.06
C GLU A 326 17.70 9.31 -10.31
N GLY A 327 18.18 8.63 -11.35
CA GLY A 327 17.55 8.66 -12.66
C GLY A 327 16.41 7.67 -12.89
N TYR A 328 16.44 6.49 -12.25
CA TYR A 328 15.56 5.41 -12.64
C TYR A 328 14.08 5.81 -12.52
N TYR A 329 13.71 6.43 -11.40
CA TYR A 329 12.34 6.83 -11.16
C TYR A 329 11.74 7.52 -12.39
N PHE A 330 12.48 8.45 -12.96
CA PHE A 330 11.92 9.20 -14.07
C PHE A 330 11.94 8.37 -15.35
N ILE A 331 12.94 7.51 -15.53
CA ILE A 331 12.96 6.64 -16.70
C ILE A 331 11.82 5.64 -16.63
N ILE A 332 11.53 5.12 -15.43
CA ILE A 332 10.45 4.17 -15.29
C ILE A 332 9.13 4.75 -15.78
N TYR A 333 8.90 6.04 -15.56
CA TYR A 333 7.67 6.69 -16.00
C TYR A 333 7.73 7.23 -17.42
N TYR A 334 8.90 7.32 -18.03
CA TYR A 334 9.08 7.91 -19.34
C TYR A 334 9.28 6.88 -20.45
N LEU A 335 10.15 5.88 -20.24
CA LEU A 335 10.35 4.78 -21.19
C LEU A 335 9.66 3.53 -20.65
N THR A 336 8.33 3.55 -20.72
CA THR A 336 7.49 2.53 -20.09
C THR A 336 7.60 1.16 -20.77
N GLU A 337 8.02 1.12 -22.03
CA GLU A 337 8.30 -0.15 -22.71
C GLU A 337 9.68 -0.69 -22.34
N LEU A 338 10.68 0.18 -22.16
CA LEU A 338 12.02 -0.33 -21.92
C LEU A 338 12.21 -0.77 -20.48
N LEU A 339 11.91 0.10 -19.51
CA LEU A 339 12.10 -0.24 -18.10
C LEU A 339 10.76 -0.57 -17.46
N ARG A 340 10.24 -1.74 -17.80
CA ARG A 340 9.04 -2.24 -17.19
C ARG A 340 9.24 -2.45 -15.69
N LYS A 341 8.19 -2.23 -14.92
CA LYS A 341 8.27 -2.34 -13.46
C LYS A 341 8.16 -3.80 -13.03
N GLU A 342 9.13 -4.60 -13.49
CA GLU A 342 9.20 -6.02 -13.19
C GLU A 342 10.61 -6.39 -12.73
N GLU A 343 10.71 -7.54 -12.05
CA GLU A 343 12.03 -8.06 -11.68
C GLU A 343 12.80 -8.48 -12.93
N GLY A 344 14.13 -8.41 -12.85
CA GLY A 344 14.99 -8.96 -13.87
C GLY A 344 15.10 -8.19 -15.17
N VAL A 345 14.69 -6.93 -15.20
CA VAL A 345 14.86 -6.11 -16.40
C VAL A 345 16.34 -5.90 -16.69
N THR A 346 16.70 -5.93 -17.99
CA THR A 346 18.04 -5.58 -18.48
C THR A 346 17.85 -4.83 -19.79
N VAL A 347 18.92 -4.21 -20.29
CA VAL A 347 18.88 -3.40 -21.51
C VAL A 347 19.97 -3.87 -22.46
N THR A 348 19.61 -4.13 -23.71
CA THR A 348 20.63 -4.49 -24.69
C THR A 348 21.40 -3.26 -25.14
N ARG A 349 22.60 -3.51 -25.69
CA ARG A 349 23.42 -2.41 -26.21
C ARG A 349 22.68 -1.63 -27.28
N GLU A 350 21.96 -2.30 -28.15
CA GLU A 350 21.23 -1.60 -29.20
C GLU A 350 20.08 -0.78 -28.60
N GLU A 351 19.42 -1.32 -27.56
CA GLU A 351 18.39 -0.55 -26.85
C GLU A 351 19.02 0.63 -26.11
N PHE A 352 20.21 0.46 -25.53
CA PHE A 352 20.89 1.56 -24.88
C PHE A 352 21.18 2.69 -25.86
N LEU A 353 21.65 2.35 -27.06
CA LEU A 353 22.01 3.40 -28.01
C LEU A 353 20.80 4.19 -28.44
N GLN A 354 19.64 3.52 -28.55
CA GLN A 354 18.41 4.24 -28.87
C GLN A 354 17.94 5.10 -27.70
N ALA A 355 18.03 4.55 -26.47
CA ALA A 355 17.60 5.31 -25.29
C ALA A 355 18.41 6.59 -25.13
N VAL A 356 19.70 6.57 -25.49
CA VAL A 356 20.52 7.77 -25.34
C VAL A 356 19.97 8.89 -26.18
N ARG A 357 19.48 8.56 -27.38
CA ARG A 357 18.91 9.61 -28.22
C ARG A 357 17.58 10.12 -27.65
N GLU A 358 16.76 9.21 -27.10
CA GLU A 358 15.48 9.61 -26.52
C GLU A 358 15.64 10.42 -25.24
N LEU A 359 16.68 10.16 -24.46
CA LEU A 359 16.85 10.84 -23.19
C LEU A 359 17.66 12.13 -23.30
N ASN A 360 18.34 12.39 -24.43
CA ASN A 360 19.01 13.67 -24.67
C ASN A 360 18.63 14.12 -26.06
N PRO A 361 17.36 14.48 -26.25
CA PRO A 361 16.82 14.70 -27.60
C PRO A 361 17.22 16.02 -28.21
N TYR A 362 17.95 16.88 -27.49
CA TYR A 362 18.26 18.21 -27.96
C TYR A 362 19.71 18.39 -28.42
N VAL A 363 20.58 17.41 -28.24
CA VAL A 363 22.00 17.55 -28.55
C VAL A 363 22.27 16.91 -29.90
N ASN A 364 23.35 17.36 -30.54
CA ASN A 364 23.67 16.91 -31.88
C ASN A 364 24.35 15.53 -31.84
N GLY A 365 24.71 15.01 -33.01
CA GLY A 365 25.30 13.69 -33.08
C GLY A 365 26.60 13.59 -32.30
N ALA A 366 27.49 14.57 -32.45
CA ALA A 366 28.78 14.52 -31.78
C ALA A 366 28.59 14.48 -30.27
N ALA A 367 27.63 15.26 -29.76
CA ALA A 367 27.38 15.22 -28.32
C ALA A 367 26.86 13.84 -27.90
N ARG A 368 25.97 13.24 -28.70
CA ARG A 368 25.46 11.91 -28.36
C ARG A 368 26.59 10.88 -28.30
N GLN A 369 27.52 10.92 -29.25
CA GLN A 369 28.71 10.04 -29.19
C GLN A 369 29.45 10.17 -27.87
N ALA A 370 29.67 11.42 -27.45
CA ALA A 370 30.38 11.67 -26.20
C ALA A 370 29.63 11.08 -25.03
N ILE A 371 28.30 11.25 -25.01
CA ILE A 371 27.47 10.66 -23.95
C ILE A 371 27.63 9.15 -23.96
N VAL A 372 27.56 8.53 -25.16
CA VAL A 372 27.73 7.08 -25.26
C VAL A 372 29.08 6.66 -24.72
N PHE A 373 30.14 7.36 -25.13
CA PHE A 373 31.46 7.00 -24.64
C PHE A 373 31.56 7.17 -23.14
N GLU A 374 31.04 8.27 -22.61
CA GLU A 374 31.12 8.53 -21.18
C GLU A 374 30.33 7.51 -20.35
N TYR A 375 29.22 6.97 -20.89
CA TYR A 375 28.37 6.07 -20.11
C TYR A 375 28.39 4.62 -20.63
N THR A 376 29.53 4.15 -21.10
CA THR A 376 29.73 2.74 -21.48
C THR A 376 30.64 2.08 -20.46
N ASP A 377 30.35 0.85 -20.07
CA ASP A 377 31.25 0.09 -19.20
C ASP A 377 32.34 -0.56 -20.07
N TRP A 378 33.50 0.08 -20.19
CA TRP A 378 34.45 -0.42 -21.19
C TRP A 378 35.13 -1.71 -20.77
N THR A 379 34.97 -2.13 -19.53
CA THR A 379 35.28 -3.50 -19.15
C THR A 379 34.35 -4.52 -19.84
N GLU A 380 33.11 -4.15 -20.11
CA GLU A 380 32.19 -5.09 -20.75
C GLU A 380 31.08 -4.33 -21.48
N PRO A 381 31.36 -3.76 -22.63
CA PRO A 381 30.45 -2.77 -23.23
C PRO A 381 29.03 -3.24 -23.46
N ASP A 382 28.81 -4.54 -23.69
CA ASP A 382 27.50 -5.06 -24.08
C ASP A 382 26.75 -5.67 -22.91
N ASN A 383 27.32 -5.65 -21.71
CA ASN A 383 26.67 -6.24 -20.55
C ASN A 383 25.30 -5.63 -20.35
N PRO A 384 24.22 -6.41 -20.33
CA PRO A 384 22.87 -5.81 -20.28
C PRO A 384 22.51 -5.18 -18.92
N ASN A 385 23.13 -5.61 -17.82
CA ASN A 385 23.02 -4.84 -16.58
C ASN A 385 23.73 -3.49 -16.68
N SER A 386 24.95 -3.48 -17.22
CA SER A 386 25.72 -2.23 -17.34
C SER A 386 24.98 -1.21 -18.19
N ASN A 387 24.37 -1.65 -19.28
CA ASN A 387 23.66 -0.70 -20.13
C ASN A 387 22.38 -0.19 -19.47
N ARG A 388 21.78 -0.98 -18.56
CA ARG A 388 20.62 -0.46 -17.85
C ARG A 388 21.05 0.58 -16.82
N ASP A 389 22.03 0.23 -15.98
CA ASP A 389 22.58 1.17 -15.00
C ASP A 389 23.08 2.46 -15.65
N ALA A 390 23.65 2.37 -16.84
CA ALA A 390 24.16 3.58 -17.51
C ALA A 390 23.04 4.57 -17.78
N LEU A 391 21.84 4.08 -18.05
CA LEU A 391 20.69 4.95 -18.27
C LEU A 391 20.32 5.69 -16.99
N ASP A 392 20.30 5.00 -15.84
CA ASP A 392 20.07 5.71 -14.59
C ASP A 392 21.15 6.77 -14.35
N LYS A 393 22.41 6.43 -14.60
CA LYS A 393 23.50 7.34 -14.22
C LYS A 393 23.51 8.59 -15.09
N MET A 394 23.21 8.47 -16.39
CA MET A 394 23.27 9.67 -17.21
C MET A 394 22.11 10.60 -16.93
N VAL A 395 20.94 10.05 -16.59
CA VAL A 395 19.80 10.89 -16.22
C VAL A 395 20.03 11.49 -14.84
N GLY A 396 20.42 10.65 -13.86
CA GLY A 396 20.67 11.15 -12.52
C GLY A 396 21.81 12.17 -12.45
N ASP A 397 22.91 11.93 -13.17
CA ASP A 397 24.03 12.88 -13.10
C ASP A 397 23.60 14.23 -13.66
N TYR A 398 23.02 14.23 -14.86
CA TYR A 398 22.70 15.48 -15.53
C TYR A 398 21.59 16.24 -14.82
N HIS A 399 20.53 15.56 -14.38
CA HIS A 399 19.38 16.26 -13.81
C HIS A 399 19.48 16.44 -12.32
N PHE A 400 20.31 15.67 -11.62
CA PHE A 400 20.30 15.78 -10.16
C PHE A 400 21.68 15.97 -9.56
N THR A 401 22.49 14.89 -9.52
CA THR A 401 23.72 14.85 -8.74
C THR A 401 24.65 16.01 -9.07
N CYS A 402 24.85 16.30 -10.35
CA CYS A 402 25.86 17.29 -10.70
C CYS A 402 25.42 18.70 -10.37
N ASN A 403 24.14 18.93 -10.26
CA ASN A 403 23.66 20.24 -9.89
C ASN A 403 23.77 20.45 -8.40
N VAL A 404 23.51 19.39 -7.62
CA VAL A 404 23.77 19.45 -6.19
C VAL A 404 25.24 19.73 -5.93
N ASN A 405 26.14 19.07 -6.67
CA ASN A 405 27.57 19.34 -6.49
C ASN A 405 27.90 20.80 -6.77
N GLU A 406 27.36 21.34 -7.87
CA GLU A 406 27.67 22.71 -8.24
C GLU A 406 27.23 23.69 -7.16
N PHE A 407 26.03 23.48 -6.61
CA PHE A 407 25.53 24.40 -5.59
C PHE A 407 26.38 24.35 -4.33
N ALA A 408 26.67 23.14 -3.83
CA ALA A 408 27.51 22.98 -2.67
C ALA A 408 28.91 23.56 -2.90
N GLN A 409 29.43 23.43 -4.11
CA GLN A 409 30.75 23.94 -4.41
C GLN A 409 30.78 25.45 -4.30
N ARG A 410 29.80 26.14 -4.91
N ARG A 410 29.81 26.13 -4.93
CA ARG A 410 29.81 27.60 -4.84
CA ARG A 410 29.72 27.58 -4.86
C ARG A 410 29.57 28.08 -3.41
C ARG A 410 29.60 28.04 -3.41
N TYR A 411 28.74 27.37 -2.64
CA TYR A 411 28.57 27.78 -1.25
C TYR A 411 29.89 27.65 -0.47
N ALA A 412 30.65 26.59 -0.73
CA ALA A 412 31.88 26.38 0.02
C ALA A 412 32.95 27.40 -0.40
N GLU A 413 33.02 27.72 -1.70
CA GLU A 413 33.99 28.70 -2.18
C GLU A 413 33.79 30.05 -1.53
N GLU A 414 32.57 30.38 -1.16
CA GLU A 414 32.30 31.67 -0.56
C GLU A 414 32.48 31.66 0.95
N GLY A 415 33.09 30.63 1.52
CA GLY A 415 33.38 30.59 2.95
C GLY A 415 32.31 30.01 3.84
N ASN A 416 31.27 29.38 3.29
CA ASN A 416 30.24 28.80 4.13
C ASN A 416 30.53 27.34 4.44
N ASN A 417 30.15 26.92 5.65
CA ASN A 417 30.22 25.49 5.97
C ASN A 417 29.15 24.69 5.21
N VAL A 418 29.61 23.65 4.52
CA VAL A 418 28.78 22.78 3.71
C VAL A 418 28.99 21.33 4.14
N TYR A 419 27.91 20.56 4.22
CA TYR A 419 28.01 19.13 4.48
C TYR A 419 27.30 18.38 3.36
N MET A 420 27.99 17.42 2.75
CA MET A 420 27.54 16.72 1.56
C MET A 420 27.37 15.23 1.88
N TYR A 421 26.24 14.63 1.48
CA TYR A 421 26.05 13.20 1.66
C TYR A 421 25.78 12.50 0.32
N LEU A 422 26.11 11.21 0.29
CA LEU A 422 25.64 10.28 -0.74
C LEU A 422 24.85 9.21 -0.02
N TYR A 423 23.56 9.13 -0.31
CA TYR A 423 22.67 8.22 0.39
C TYR A 423 22.60 6.90 -0.39
N THR A 424 22.97 5.80 0.26
CA THR A 424 23.16 4.53 -0.44
C THR A 424 22.33 3.40 0.14
N HIS A 425 21.40 3.66 1.06
CA HIS A 425 20.66 2.58 1.72
C HIS A 425 19.38 2.21 0.97
N ARG A 426 19.22 0.92 0.66
CA ARG A 426 17.96 0.41 0.11
C ARG A 426 17.19 -0.35 1.20
N SER A 427 15.95 0.07 1.46
CA SER A 427 15.14 -0.61 2.47
C SER A 427 14.90 -2.06 2.10
N LYS A 428 14.93 -2.94 3.12
CA LYS A 428 14.60 -4.34 2.88
C LYS A 428 13.21 -4.48 2.26
N GLY A 429 12.25 -3.67 2.71
CA GLY A 429 10.88 -3.71 2.21
C GLY A 429 10.58 -2.85 1.00
N ASN A 430 11.57 -2.32 0.31
CA ASN A 430 11.33 -1.54 -0.89
C ASN A 430 10.42 -2.31 -1.84
N PRO A 431 9.32 -1.73 -2.33
CA PRO A 431 8.39 -2.47 -3.19
C PRO A 431 8.70 -2.40 -4.68
N TRP A 432 9.65 -1.57 -5.09
CA TRP A 432 10.10 -1.49 -6.47
C TRP A 432 11.01 -2.69 -6.81
N PRO A 433 11.21 -2.98 -8.09
CA PRO A 433 12.10 -4.09 -8.45
C PRO A 433 13.51 -3.89 -7.90
N ARG A 434 14.19 -5.01 -7.63
CA ARG A 434 15.51 -4.98 -6.99
C ARG A 434 16.51 -4.14 -7.78
N TRP A 435 16.42 -4.13 -9.12
CA TRP A 435 17.42 -3.44 -9.93
C TRP A 435 17.32 -1.92 -9.84
N THR A 436 16.24 -1.38 -9.28
CA THR A 436 16.11 0.08 -9.18
C THR A 436 17.03 0.69 -8.13
N GLY A 437 17.59 -0.11 -7.23
CA GLY A 437 18.60 0.41 -6.31
C GLY A 437 18.02 1.38 -5.29
N VAL A 438 18.74 2.48 -5.06
CA VAL A 438 18.36 3.53 -4.11
C VAL A 438 17.84 4.70 -4.92
N MET A 439 16.52 4.81 -5.07
CA MET A 439 16.00 5.80 -6.00
C MET A 439 15.83 7.18 -5.35
N HIS A 440 15.62 8.17 -6.19
CA HIS A 440 15.16 9.49 -5.82
C HIS A 440 14.06 9.42 -4.77
N GLY A 441 14.27 10.07 -3.63
CA GLY A 441 13.27 10.14 -2.59
C GLY A 441 13.35 9.09 -1.51
N ASP A 442 14.23 8.09 -1.65
CA ASP A 442 14.22 6.97 -0.71
C ASP A 442 14.61 7.39 0.72
N GLU A 443 15.40 8.46 0.86
CA GLU A 443 15.86 8.87 2.19
C GLU A 443 14.75 9.53 3.01
N ILE A 444 13.62 9.92 2.38
CA ILE A 444 12.60 10.66 3.09
C ILE A 444 12.04 9.86 4.26
N ASN A 445 11.80 8.55 4.06
CA ASN A 445 11.25 7.71 5.14
C ASN A 445 12.15 7.72 6.37
N TYR A 446 13.47 7.71 6.14
CA TYR A 446 14.41 7.66 7.23
C TYR A 446 14.55 9.03 7.90
N VAL A 447 14.48 10.12 7.13
CA VAL A 447 14.52 11.46 7.69
C VAL A 447 13.31 11.71 8.60
N PHE A 448 12.14 11.22 8.23
CA PHE A 448 10.98 11.45 9.09
C PHE A 448 10.77 10.34 10.12
N GLY A 449 11.68 9.37 10.23
CA GLY A 449 11.58 8.36 11.26
C GLY A 449 10.48 7.33 11.08
N GLU A 450 10.04 7.08 9.85
CA GLU A 450 9.01 6.05 9.63
C GLU A 450 9.43 4.69 10.18
N PRO A 451 10.69 4.24 10.08
CA PRO A 451 11.05 2.95 10.68
C PRO A 451 10.75 2.84 12.15
N LEU A 452 10.58 3.93 12.88
CA LEU A 452 10.26 3.79 14.30
C LEU A 452 8.80 3.40 14.52
N ASN A 453 8.00 3.29 13.46
CA ASN A 453 6.64 2.76 13.55
C ASN A 453 6.77 1.24 13.51
N PRO A 454 6.58 0.55 14.64
CA PRO A 454 6.82 -0.92 14.63
C PRO A 454 5.86 -1.69 13.75
N THR A 455 4.68 -1.14 13.44
CA THR A 455 3.73 -1.88 12.61
C THR A 455 4.15 -1.91 11.14
N LEU A 456 5.17 -1.17 10.74
CA LEU A 456 5.68 -1.29 9.40
C LEU A 456 6.80 -2.32 9.43
N GLY A 457 7.33 -2.69 8.29
CA GLY A 457 8.18 -3.87 8.42
C GLY A 457 9.68 -3.70 8.65
N TYR A 458 10.12 -2.59 9.25
CA TYR A 458 11.54 -2.23 9.21
C TYR A 458 12.38 -3.06 10.17
N THR A 459 13.58 -3.46 9.72
CA THR A 459 14.48 -4.21 10.60
C THR A 459 15.00 -3.33 11.74
N GLU A 460 15.59 -3.99 12.74
CA GLU A 460 16.16 -3.24 13.87
C GLU A 460 17.30 -2.34 13.42
N ASP A 461 18.14 -2.82 12.50
CA ASP A 461 19.25 -2.00 11.98
C ASP A 461 18.73 -0.76 11.26
N GLU A 462 17.63 -0.90 10.50
CA GLU A 462 17.07 0.25 9.81
C GLU A 462 16.50 1.24 10.81
N LYS A 463 15.92 0.75 11.91
CA LYS A 463 15.49 1.68 12.95
C LYS A 463 16.68 2.47 13.51
N ASP A 464 17.81 1.81 13.74
CA ASP A 464 18.99 2.53 14.22
C ASP A 464 19.46 3.54 13.19
N PHE A 465 19.52 3.15 11.92
CA PHE A 465 19.93 4.05 10.85
C PHE A 465 19.03 5.29 10.79
N SER A 466 17.72 5.12 10.96
CA SER A 466 16.81 6.26 10.94
C SER A 466 17.07 7.21 12.12
N ARG A 467 17.31 6.65 13.32
CA ARG A 467 17.70 7.50 14.44
C ARG A 467 18.98 8.27 14.13
N LYS A 468 19.98 7.64 13.52
CA LYS A 468 21.22 8.34 13.20
C LYS A 468 20.93 9.50 12.27
N ILE A 469 20.09 9.27 11.26
CA ILE A 469 19.85 10.30 10.25
C ILE A 469 19.05 11.46 10.82
N MET A 470 18.02 11.16 11.64
CA MET A 470 17.31 12.24 12.30
C MET A 470 18.24 13.05 13.20
N ARG A 471 19.20 12.37 13.84
CA ARG A 471 20.14 13.06 14.73
C ARG A 471 21.07 13.97 13.94
N TYR A 472 21.64 13.48 12.83
CA TYR A 472 22.44 14.35 11.97
C TYR A 472 21.63 15.54 11.48
N TRP A 473 20.42 15.29 10.97
CA TRP A 473 19.61 16.38 10.43
C TRP A 473 19.28 17.41 11.49
N SER A 474 18.91 16.95 12.68
CA SER A 474 18.49 17.92 13.70
C SER A 474 19.69 18.56 14.41
N ASN A 475 20.80 17.84 14.57
CA ASN A 475 22.03 18.50 15.02
C ASN A 475 22.36 19.66 14.09
N PHE A 476 22.29 19.42 12.78
CA PHE A 476 22.53 20.48 11.82
C PHE A 476 21.54 21.64 12.03
N ALA A 477 20.26 21.34 12.20
CA ALA A 477 19.31 22.43 12.40
C ALA A 477 19.61 23.23 13.67
N LYS A 478 19.97 22.55 14.75
CA LYS A 478 20.18 23.22 16.04
C LYS A 478 21.49 24.03 16.07
N THR A 479 22.56 23.54 15.43
CA THR A 479 23.91 24.10 15.58
C THR A 479 24.65 24.46 14.30
N GLY A 480 24.18 24.07 13.11
CA GLY A 480 24.94 24.28 11.90
C GLY A 480 25.95 23.18 11.58
N ASN A 481 25.99 22.12 12.38
CA ASN A 481 26.98 21.04 12.25
C ASN A 481 26.24 19.74 12.59
N PRO A 482 26.20 18.75 11.68
CA PRO A 482 25.45 17.53 12.00
C PRO A 482 26.12 16.67 13.06
N ASN A 483 27.42 16.90 13.31
CA ASN A 483 28.18 16.06 14.23
C ASN A 483 27.79 16.34 15.69
N PRO A 484 27.81 15.30 16.53
CA PRO A 484 27.61 15.50 17.97
C PRO A 484 28.89 16.00 18.63
N ASN A 485 28.78 16.35 19.91
CA ASN A 485 29.94 16.86 20.64
C ASN A 485 30.94 15.74 20.95
N THR A 486 30.49 14.68 21.62
CA THR A 486 31.34 13.53 21.91
C THR A 486 31.28 12.57 20.73
N ALA A 487 32.44 12.35 20.07
CA ALA A 487 32.51 11.42 18.95
C ALA A 487 32.04 10.03 19.38
N SER A 488 31.22 9.39 18.52
CA SER A 488 30.56 8.13 18.83
C SER A 488 30.98 7.06 17.82
N SER A 489 30.76 5.80 18.21
CA SER A 489 30.94 4.69 17.28
C SER A 489 29.71 4.53 16.39
N GLU A 490 28.54 4.91 16.90
CA GLU A 490 27.30 4.88 16.12
C GLU A 490 27.14 6.10 15.21
N PHE A 491 27.80 7.22 15.53
CA PHE A 491 27.72 8.47 14.76
C PHE A 491 29.09 8.82 14.20
N PRO A 492 29.49 8.22 13.06
CA PRO A 492 30.77 8.60 12.45
C PRO A 492 30.91 10.10 12.22
N GLU A 493 32.16 10.51 12.08
CA GLU A 493 32.49 11.90 11.80
C GLU A 493 31.98 12.24 10.41
N TRP A 494 31.34 13.39 10.28
CA TRP A 494 30.90 13.88 8.97
C TRP A 494 31.71 15.12 8.65
N PRO A 495 32.74 15.01 7.81
CA PRO A 495 33.62 16.16 7.57
C PRO A 495 32.95 17.17 6.66
N LYS A 496 33.39 18.42 6.80
CA LYS A 496 32.93 19.51 5.96
C LYS A 496 33.28 19.26 4.49
N HIS A 497 32.47 19.80 3.60
CA HIS A 497 32.67 19.76 2.16
C HIS A 497 33.34 21.07 1.78
N THR A 498 34.68 21.07 1.73
CA THR A 498 35.41 22.29 1.44
C THR A 498 35.53 22.47 -0.07
N ALA A 499 35.85 23.70 -0.46
CA ALA A 499 35.86 24.06 -1.88
C ALA A 499 36.88 23.25 -2.67
N HIS A 500 37.99 22.86 -2.05
N HIS A 500 38.00 22.91 -2.03
CA HIS A 500 38.96 22.09 -2.80
CA HIS A 500 39.11 22.16 -2.62
C HIS A 500 39.02 20.62 -2.40
C HIS A 500 38.96 20.67 -2.40
N GLY A 501 38.58 20.26 -1.18
CA GLY A 501 38.49 18.86 -0.81
C GLY A 501 37.23 18.13 -1.26
N ARG A 502 36.08 18.80 -1.19
CA ARG A 502 34.78 18.25 -1.64
C ARG A 502 34.49 16.88 -1.06
N HIS A 503 34.77 16.71 0.22
CA HIS A 503 34.47 15.45 0.90
C HIS A 503 32.95 15.31 1.07
N TYR A 504 32.50 14.06 1.04
CA TYR A 504 31.12 13.72 1.36
C TYR A 504 31.11 12.49 2.24
N LEU A 505 30.02 12.34 3.01
CA LEU A 505 29.83 11.18 3.85
C LEU A 505 28.82 10.25 3.20
N GLU A 506 29.16 8.98 3.09
CA GLU A 506 28.21 7.98 2.61
C GLU A 506 27.25 7.59 3.73
N LEU A 507 25.94 7.73 3.49
CA LEU A 507 24.93 7.36 4.48
C LEU A 507 24.38 5.99 4.13
N GLY A 508 24.64 5.01 5.00
CA GLY A 508 24.21 3.65 4.78
C GLY A 508 24.35 2.85 6.06
N LEU A 509 23.91 1.59 5.99
CA LEU A 509 23.87 0.73 7.18
C LEU A 509 25.25 0.40 7.75
N ASN A 510 26.06 -0.34 7.02
CA ASN A 510 27.34 -0.82 7.53
C ASN A 510 28.46 0.00 6.88
N THR A 511 28.49 1.30 7.13
CA THR A 511 29.47 2.11 6.43
C THR A 511 29.67 3.42 7.15
N SER A 512 30.89 3.96 7.02
CA SER A 512 31.23 5.32 7.38
C SER A 512 32.21 5.88 6.35
N PHE A 513 32.17 5.34 5.13
CA PHE A 513 33.08 5.76 4.08
C PHE A 513 32.92 7.24 3.74
N VAL A 514 34.06 7.92 3.59
CA VAL A 514 34.14 9.30 3.17
C VAL A 514 34.86 9.35 1.82
N GLY A 515 34.23 9.98 0.82
CA GLY A 515 34.85 10.07 -0.48
C GLY A 515 34.92 11.52 -0.91
N ARG A 516 35.22 11.76 -2.18
CA ARG A 516 35.24 13.10 -2.74
C ARG A 516 34.22 13.17 -3.88
N GLY A 517 33.48 14.27 -3.92
CA GLY A 517 32.46 14.44 -4.94
C GLY A 517 31.08 14.49 -4.33
N PRO A 518 30.19 13.53 -4.69
CA PRO A 518 30.45 12.33 -5.49
C PRO A 518 30.50 12.53 -7.01
N ARG A 519 31.10 11.57 -7.72
CA ARG A 519 31.05 11.50 -9.19
C ARG A 519 31.62 12.76 -9.86
N LEU A 520 32.80 13.18 -9.38
CA LEU A 520 33.41 14.40 -9.91
C LEU A 520 33.72 14.32 -11.40
N ARG A 521 34.21 13.16 -11.86
CA ARG A 521 34.53 13.04 -13.28
C ARG A 521 33.27 13.15 -14.15
N GLN A 522 32.20 12.44 -13.79
CA GLN A 522 31.00 12.55 -14.61
C GLN A 522 30.39 13.95 -14.55
N CYS A 523 30.47 14.60 -13.38
CA CYS A 523 29.96 15.97 -13.31
C CYS A 523 30.77 16.93 -14.15
N ALA A 524 32.11 16.74 -14.23
CA ALA A 524 32.92 17.57 -15.12
C ALA A 524 32.54 17.35 -16.59
N PHE A 525 32.16 16.11 -16.95
CA PHE A 525 31.67 15.83 -18.30
C PHE A 525 30.47 16.72 -18.66
N TRP A 526 29.48 16.79 -17.78
CA TRP A 526 28.27 17.56 -18.10
C TRP A 526 28.51 19.06 -17.99
N LYS A 527 29.31 19.49 -17.01
CA LYS A 527 29.43 20.91 -16.72
C LYS A 527 30.56 21.60 -17.49
N LYS A 528 31.59 20.86 -17.93
CA LYS A 528 32.73 21.46 -18.63
C LYS A 528 32.96 20.90 -20.03
N TYR A 529 33.05 19.57 -20.19
CA TYR A 529 33.38 19.03 -21.50
C TYR A 529 32.22 19.18 -22.49
N LEU A 530 31.05 18.64 -22.16
CA LEU A 530 29.97 18.64 -23.15
C LEU A 530 29.58 20.04 -23.60
N PRO A 531 29.49 21.05 -22.72
CA PRO A 531 29.22 22.41 -23.21
C PRO A 531 30.22 22.94 -24.23
N GLN A 532 31.51 22.66 -24.05
CA GLN A 532 32.46 23.18 -25.01
C GLN A 532 32.46 22.37 -26.30
N LEU A 533 32.11 21.08 -26.23
CA LEU A 533 31.97 20.30 -27.46
C LEU A 533 30.74 20.73 -28.26
N VAL A 534 29.66 21.11 -27.56
CA VAL A 534 28.48 21.60 -28.28
C VAL A 534 28.81 22.93 -28.96
N ALA A 535 29.58 23.79 -28.28
CA ALA A 535 29.99 25.06 -28.87
C ALA A 535 30.80 24.84 -30.15
N ALA A 536 31.80 23.97 -30.08
CA ALA A 536 32.70 23.73 -31.19
C ALA A 536 31.99 23.11 -32.40
N THR A 537 30.87 22.43 -32.22
CA THR A 537 30.25 21.67 -33.30
C THR A 537 28.90 22.25 -33.72
N SER A 538 28.68 23.55 -33.53
CA SER A 538 27.37 24.15 -33.85
C SER A 538 27.49 25.10 -35.03
N ASN A 539 28.20 24.68 -36.07
CA ASN A 539 28.47 25.51 -37.26
C ASN A 539 27.19 25.95 -37.97
N ASN B 3 -2.25 4.30 34.88
CA ASN B 3 -2.43 3.00 34.25
C ASN B 3 -2.34 3.10 32.72
N ASP B 4 -1.59 2.16 32.11
CA ASP B 4 -1.32 2.18 30.67
C ASP B 4 -2.37 1.37 29.92
N PRO B 5 -3.32 2.00 29.21
CA PRO B 5 -4.40 1.21 28.57
C PRO B 5 -3.92 0.30 27.47
N LEU B 6 -2.69 0.48 26.96
CA LEU B 6 -2.14 -0.38 25.91
C LEU B 6 -1.43 -1.60 26.45
N VAL B 7 -1.20 -1.67 27.76
CA VAL B 7 -0.67 -2.87 28.38
C VAL B 7 -1.87 -3.67 28.85
N VAL B 8 -1.89 -4.96 28.52
CA VAL B 8 -3.01 -5.86 28.80
C VAL B 8 -2.43 -7.11 29.44
N ASN B 9 -3.06 -7.57 30.51
CA ASN B 9 -2.60 -8.75 31.22
C ASN B 9 -3.36 -9.96 30.69
N THR B 10 -2.74 -10.73 29.80
CA THR B 10 -3.38 -11.94 29.31
C THR B 10 -3.11 -13.07 30.28
N ASP B 11 -3.83 -14.17 30.09
CA ASP B 11 -3.70 -15.33 30.97
C ASP B 11 -2.31 -15.95 30.90
N LYS B 12 -1.41 -15.47 30.04
CA LYS B 12 -0.06 -16.00 29.98
C LYS B 12 1.01 -14.95 30.25
N GLY B 13 0.63 -13.70 30.44
CA GLY B 13 1.61 -12.66 30.63
C GLY B 13 1.08 -11.32 30.15
N ARG B 14 1.91 -10.30 30.35
CA ARG B 14 1.52 -8.96 29.93
C ARG B 14 2.01 -8.71 28.51
N ILE B 15 1.29 -7.85 27.79
CA ILE B 15 1.61 -7.50 26.42
C ILE B 15 1.35 -6.01 26.27
N ARG B 16 2.06 -5.39 25.33
CA ARG B 16 1.93 -3.97 25.05
C ARG B 16 1.58 -3.79 23.58
N GLY B 17 0.50 -3.05 23.32
CA GLY B 17 0.08 -2.68 22.00
C GLY B 17 0.46 -1.25 21.66
N ILE B 18 -0.19 -0.70 20.63
CA ILE B 18 0.18 0.60 20.11
C ILE B 18 -1.04 1.24 19.45
N THR B 19 -1.15 2.56 19.55
CA THR B 19 -2.22 3.30 18.90
C THR B 19 -1.77 3.70 17.51
N VAL B 20 -2.63 3.48 16.50
CA VAL B 20 -2.30 3.82 15.12
C VAL B 20 -3.54 4.41 14.47
N ASP B 21 -3.36 4.96 13.26
CA ASP B 21 -4.47 5.52 12.51
C ASP B 21 -4.98 4.50 11.50
N ALA B 22 -6.30 4.41 11.36
CA ALA B 22 -6.86 3.76 10.19
C ALA B 22 -6.57 4.64 8.97
N PRO B 23 -6.54 4.05 7.75
CA PRO B 23 -6.32 4.88 6.55
C PRO B 23 -7.23 6.10 6.44
N SER B 24 -8.37 6.06 7.13
CA SER B 24 -9.32 7.16 7.12
C SER B 24 -8.91 8.29 8.05
N GLY B 25 -7.96 8.06 8.95
CA GLY B 25 -7.63 9.01 10.00
C GLY B 25 -8.17 8.69 11.38
N LYS B 26 -9.16 7.79 11.51
CA LYS B 26 -9.64 7.44 12.84
C LYS B 26 -8.60 6.55 13.54
N LYS B 27 -8.58 6.63 14.87
CA LYS B 27 -7.53 5.96 15.63
C LYS B 27 -8.06 4.67 16.24
N VAL B 28 -7.21 3.64 16.28
CA VAL B 28 -7.56 2.35 16.88
C VAL B 28 -6.37 1.91 17.70
N ASP B 29 -6.63 1.02 18.66
CA ASP B 29 -5.55 0.35 19.37
C ASP B 29 -5.34 -1.03 18.77
N VAL B 30 -4.10 -1.48 18.79
CA VAL B 30 -3.66 -2.61 17.97
C VAL B 30 -2.68 -3.45 18.77
N TRP B 31 -2.85 -4.77 18.74
CA TRP B 31 -1.87 -5.70 19.31
C TRP B 31 -1.57 -6.75 18.24
N LEU B 32 -0.36 -6.72 17.71
CA LEU B 32 0.02 -7.58 16.60
C LEU B 32 0.93 -8.69 17.09
N GLY B 33 0.71 -9.90 16.59
CA GLY B 33 1.65 -10.97 16.92
C GLY B 33 1.59 -11.50 18.34
N ILE B 34 0.39 -11.66 18.91
CA ILE B 34 0.25 -12.32 20.22
C ILE B 34 0.42 -13.84 20.07
N PRO B 35 1.36 -14.49 20.77
CA PRO B 35 1.48 -15.95 20.60
C PRO B 35 0.38 -16.69 21.37
N TYR B 36 -0.12 -17.75 20.75
CA TYR B 36 -1.14 -18.57 21.39
C TYR B 36 -0.78 -20.05 21.43
N ALA B 37 0.38 -20.44 20.90
CA ALA B 37 0.82 -21.81 20.95
C ALA B 37 2.33 -21.82 21.08
N GLN B 38 2.89 -22.95 21.52
CA GLN B 38 4.30 -23.19 21.29
C GLN B 38 4.57 -23.20 19.79
N PRO B 39 5.70 -22.63 19.35
CA PRO B 39 6.12 -22.79 17.95
C PRO B 39 6.08 -24.25 17.53
N PRO B 40 5.38 -24.60 16.43
CA PRO B 40 5.21 -26.01 16.06
C PRO B 40 6.39 -26.56 15.29
N VAL B 41 7.58 -26.54 15.92
CA VAL B 41 8.83 -26.81 15.22
C VAL B 41 9.50 -28.04 15.78
N GLY B 42 10.47 -28.55 15.03
CA GLY B 42 11.20 -29.71 15.45
C GLY B 42 10.32 -30.94 15.54
N PRO B 43 10.29 -31.58 16.72
CA PRO B 43 9.42 -32.75 16.89
C PRO B 43 7.93 -32.42 16.83
N LEU B 44 7.56 -31.16 17.00
CA LEU B 44 6.15 -30.77 17.00
C LEU B 44 5.58 -30.56 15.60
N ARG B 45 6.41 -30.59 14.55
CA ARG B 45 5.87 -30.46 13.20
C ARG B 45 4.84 -31.56 12.92
N PHE B 46 3.78 -31.18 12.20
CA PHE B 46 2.65 -32.02 11.81
C PHE B 46 1.72 -32.32 12.96
N ARG B 47 2.09 -31.98 14.18
CA ARG B 47 1.30 -32.40 15.32
C ARG B 47 0.42 -31.26 15.80
N HIS B 48 -0.58 -31.62 16.61
CA HIS B 48 -1.48 -30.62 17.12
C HIS B 48 -0.74 -29.59 17.97
N PRO B 49 -1.24 -28.35 18.02
CA PRO B 49 -0.51 -27.30 18.75
C PRO B 49 -0.56 -27.54 20.25
N ARG B 50 0.57 -27.15 20.96
CA ARG B 50 0.49 -27.04 22.41
C ARG B 50 0.24 -25.58 22.77
N PRO B 51 -0.48 -25.30 23.86
CA PRO B 51 -0.66 -23.90 24.30
C PRO B 51 0.68 -23.22 24.60
N ALA B 52 0.65 -21.89 24.59
CA ALA B 52 1.88 -21.12 24.78
C ALA B 52 2.29 -21.11 26.26
N GLU B 53 3.60 -21.14 26.50
CA GLU B 53 4.14 -21.07 27.85
C GLU B 53 4.09 -19.64 28.40
N LYS B 54 3.78 -19.52 29.70
CA LYS B 54 3.77 -18.24 30.39
C LYS B 54 5.08 -17.49 30.19
N TRP B 55 5.02 -16.16 30.18
CA TRP B 55 6.22 -15.32 30.13
C TRP B 55 6.16 -14.23 31.19
N THR B 56 7.32 -13.91 31.76
CA THR B 56 7.46 -12.77 32.64
C THR B 56 7.74 -11.50 31.83
N GLY B 57 7.32 -10.38 32.38
CA GLY B 57 7.60 -9.12 31.74
C GLY B 57 6.45 -8.63 30.89
N VAL B 58 6.75 -7.68 30.01
CA VAL B 58 5.80 -7.17 29.05
C VAL B 58 6.29 -7.49 27.66
N LEU B 59 5.50 -8.27 26.92
CA LEU B 59 5.84 -8.62 25.55
C LEU B 59 5.29 -7.53 24.63
N ASN B 60 6.16 -6.93 23.84
CA ASN B 60 5.73 -5.88 22.92
C ASN B 60 5.09 -6.59 21.72
N THR B 61 3.78 -6.40 21.56
CA THR B 61 3.06 -7.05 20.47
C THR B 61 2.66 -5.96 19.50
N THR B 62 3.63 -5.51 18.71
CA THR B 62 3.44 -4.35 17.86
C THR B 62 3.91 -4.59 16.44
N THR B 63 4.43 -5.75 16.15
CA THR B 63 4.94 -6.03 14.83
C THR B 63 4.10 -7.12 14.17
N PRO B 64 3.71 -6.97 12.91
CA PRO B 64 2.95 -8.02 12.23
C PRO B 64 3.73 -9.33 12.24
N PRO B 65 3.07 -10.45 12.56
CA PRO B 65 3.80 -11.70 12.79
C PRO B 65 4.25 -12.35 11.49
N ASN B 66 5.11 -13.35 11.65
CA ASN B 66 5.48 -14.22 10.53
C ASN B 66 4.24 -14.86 9.89
N SER B 67 4.39 -15.19 8.62
CA SER B 67 3.44 -15.95 7.85
C SER B 67 3.89 -17.40 7.84
N CYS B 68 2.93 -18.33 7.86
CA CYS B 68 3.31 -19.73 7.84
C CYS B 68 3.92 -20.08 6.49
N VAL B 69 4.81 -21.07 6.48
CA VAL B 69 5.52 -21.45 5.26
C VAL B 69 4.53 -21.93 4.21
N GLN B 70 4.71 -21.48 2.97
CA GLN B 70 3.79 -21.71 1.86
C GLN B 70 4.51 -21.32 0.58
N ILE B 71 4.06 -21.88 -0.54
CA ILE B 71 4.57 -21.49 -1.86
C ILE B 71 4.20 -20.04 -2.15
N VAL B 72 5.09 -19.32 -2.84
CA VAL B 72 4.85 -17.94 -3.28
C VAL B 72 4.46 -18.00 -4.75
N ASP B 73 3.41 -17.26 -5.11
CA ASP B 73 2.90 -17.33 -6.48
C ASP B 73 3.62 -16.31 -7.36
N THR B 74 4.33 -16.81 -8.37
CA THR B 74 5.06 -15.96 -9.31
C THR B 74 4.60 -16.11 -10.76
N VAL B 75 3.47 -16.80 -11.01
CA VAL B 75 3.01 -17.11 -12.37
C VAL B 75 2.85 -15.83 -13.21
N PHE B 76 2.40 -14.74 -12.61
CA PHE B 76 2.23 -13.52 -13.37
C PHE B 76 3.20 -12.41 -12.92
N GLY B 77 4.36 -12.76 -12.35
CA GLY B 77 5.32 -11.70 -12.01
C GLY B 77 4.76 -10.71 -11.01
N ASP B 78 4.98 -9.41 -11.25
CA ASP B 78 4.51 -8.41 -10.30
C ASP B 78 3.08 -7.96 -10.55
N PHE B 79 2.27 -8.77 -11.20
CA PHE B 79 0.87 -8.40 -11.42
C PHE B 79 0.17 -8.17 -10.07
N PRO B 80 -0.34 -6.97 -9.79
CA PRO B 80 -0.96 -6.71 -8.47
C PRO B 80 -2.14 -7.62 -8.14
N GLY B 81 -2.90 -8.10 -9.15
CA GLY B 81 -3.99 -9.00 -8.85
C GLY B 81 -3.55 -10.30 -8.22
N ALA B 82 -2.29 -10.70 -8.42
CA ALA B 82 -1.73 -11.90 -7.81
C ALA B 82 -0.93 -11.61 -6.54
N THR B 83 -0.11 -10.55 -6.54
CA THR B 83 0.77 -10.30 -5.41
C THR B 83 0.00 -9.88 -4.17
N MET B 84 -1.21 -9.34 -4.32
CA MET B 84 -2.03 -9.02 -3.17
C MET B 84 -2.33 -10.23 -2.29
N TRP B 85 -2.17 -11.46 -2.81
CA TRP B 85 -2.42 -12.70 -2.07
C TRP B 85 -1.15 -13.42 -1.62
N ASN B 86 0.05 -12.86 -1.97
CA ASN B 86 1.29 -13.48 -1.51
C ASN B 86 1.65 -12.97 -0.11
N PRO B 87 2.38 -13.78 0.67
CA PRO B 87 2.80 -13.35 2.02
C PRO B 87 3.56 -12.03 2.00
N ASN B 88 3.21 -11.12 2.92
CA ASN B 88 3.87 -9.82 3.06
C ASN B 88 4.69 -9.71 4.36
N THR B 89 5.02 -10.82 5.00
CA THR B 89 5.82 -10.86 6.21
C THR B 89 6.69 -12.10 6.09
N PRO B 90 7.77 -12.21 6.88
CA PRO B 90 8.70 -13.32 6.67
C PRO B 90 8.02 -14.66 6.87
N LEU B 91 8.46 -15.64 6.09
CA LEU B 91 7.92 -16.99 6.20
C LEU B 91 8.65 -17.73 7.30
N SER B 92 7.90 -18.43 8.16
CA SER B 92 8.51 -19.17 9.27
C SER B 92 7.57 -20.28 9.73
N GLU B 93 8.14 -21.39 10.20
CA GLU B 93 7.27 -22.32 10.92
C GLU B 93 6.81 -21.74 12.24
N ASP B 94 7.52 -20.75 12.77
CA ASP B 94 7.11 -20.07 13.99
C ASP B 94 6.10 -19.01 13.58
N CYS B 95 4.84 -19.44 13.44
CA CYS B 95 3.83 -18.52 12.90
C CYS B 95 2.51 -18.50 13.67
N LEU B 96 2.40 -19.20 14.80
CA LEU B 96 1.09 -19.31 15.45
C LEU B 96 0.83 -18.09 16.33
N TYR B 97 0.22 -17.05 15.74
CA TYR B 97 0.00 -15.77 16.38
C TYR B 97 -1.40 -15.29 16.08
N ILE B 98 -1.89 -14.41 16.94
CA ILE B 98 -3.17 -13.71 16.83
C ILE B 98 -2.91 -12.21 16.77
N ASN B 99 -3.81 -11.50 16.07
CA ASN B 99 -3.85 -10.04 16.05
C ASN B 99 -5.18 -9.55 16.61
N VAL B 100 -5.16 -8.48 17.40
CA VAL B 100 -6.37 -7.86 17.94
C VAL B 100 -6.35 -6.37 17.61
N VAL B 101 -7.50 -5.85 17.19
CA VAL B 101 -7.64 -4.43 16.84
C VAL B 101 -8.93 -3.91 17.48
N ALA B 102 -8.81 -2.91 18.36
CA ALA B 102 -9.94 -2.40 19.10
C ALA B 102 -10.23 -0.94 18.75
N PRO B 103 -11.49 -0.53 18.75
CA PRO B 103 -11.82 0.87 18.47
C PRO B 103 -11.37 1.80 19.58
N ARG B 104 -11.52 3.09 19.30
CA ARG B 104 -11.27 4.16 20.25
C ARG B 104 -12.47 5.09 20.29
N PRO B 105 -13.03 5.36 21.47
CA PRO B 105 -12.58 4.84 22.77
C PRO B 105 -12.89 3.35 22.95
N ARG B 106 -12.13 2.72 23.84
CA ARG B 106 -12.23 1.28 24.00
C ARG B 106 -13.64 0.90 24.49
N PRO B 107 -14.29 -0.07 23.85
CA PRO B 107 -15.58 -0.54 24.36
C PRO B 107 -15.38 -1.42 25.58
N LYS B 108 -16.50 -1.77 26.22
CA LYS B 108 -16.49 -2.67 27.36
C LYS B 108 -16.87 -4.09 26.96
N ASN B 109 -17.97 -4.24 26.21
CA ASN B 109 -18.50 -5.54 25.80
C ASN B 109 -18.94 -5.46 24.34
N ALA B 110 -17.99 -5.19 23.44
CA ALA B 110 -18.31 -5.07 22.03
C ALA B 110 -18.42 -6.45 21.38
N ALA B 111 -19.13 -6.49 20.25
CA ALA B 111 -19.08 -7.67 19.40
C ALA B 111 -17.67 -7.86 18.83
N VAL B 112 -17.31 -9.11 18.55
CA VAL B 112 -15.97 -9.50 18.09
C VAL B 112 -16.09 -10.21 16.75
N MET B 113 -15.44 -9.68 15.72
CA MET B 113 -15.42 -10.34 14.43
C MET B 113 -14.08 -11.01 14.24
N LEU B 114 -14.08 -12.33 14.09
CA LEU B 114 -12.84 -13.11 14.06
C LEU B 114 -12.65 -13.65 12.64
N TRP B 115 -11.61 -13.18 11.96
CA TRP B 115 -11.34 -13.50 10.57
C TRP B 115 -10.50 -14.78 10.44
N ILE B 116 -10.91 -15.68 9.54
CA ILE B 116 -10.09 -16.84 9.19
C ILE B 116 -9.83 -16.79 7.68
N PHE B 117 -8.57 -16.62 7.31
CA PHE B 117 -8.26 -16.37 5.90
C PHE B 117 -8.37 -17.65 5.07
N GLY B 118 -8.64 -17.47 3.77
CA GLY B 118 -8.58 -18.55 2.81
C GLY B 118 -7.25 -18.59 2.04
N GLY B 119 -7.24 -19.42 1.00
CA GLY B 119 -6.04 -19.72 0.22
C GLY B 119 -5.89 -21.20 -0.09
N SER B 120 -7.01 -21.91 -0.22
CA SER B 120 -7.04 -23.31 -0.66
C SER B 120 -6.34 -24.25 0.31
N PHE B 121 -6.23 -23.86 1.59
CA PHE B 121 -5.56 -24.64 2.61
C PHE B 121 -4.06 -24.85 2.36
N TYR B 122 -3.47 -24.21 1.33
CA TYR B 122 -2.01 -24.27 1.15
C TYR B 122 -1.35 -22.91 1.11
N SER B 123 -2.10 -21.83 1.28
CA SER B 123 -1.54 -20.50 1.19
C SER B 123 -2.39 -19.56 2.04
N GLY B 124 -1.87 -18.36 2.26
CA GLY B 124 -2.63 -17.33 2.96
C GLY B 124 -1.98 -16.88 4.24
N THR B 125 -2.40 -15.71 4.75
CA THR B 125 -1.85 -15.20 5.99
C THR B 125 -2.76 -14.09 6.49
N ALA B 126 -2.83 -13.96 7.81
CA ALA B 126 -3.69 -12.93 8.38
C ALA B 126 -3.15 -11.53 8.17
N THR B 127 -1.87 -11.40 7.77
CA THR B 127 -1.20 -10.10 7.70
C THR B 127 -1.39 -9.36 6.37
N LEU B 128 -2.08 -9.95 5.40
CA LEU B 128 -2.25 -9.30 4.10
C LEU B 128 -2.86 -7.91 4.25
N ASP B 129 -2.34 -6.96 3.46
CA ASP B 129 -2.85 -5.59 3.50
C ASP B 129 -4.35 -5.53 3.18
N VAL B 130 -4.83 -6.42 2.31
CA VAL B 130 -6.25 -6.36 1.97
C VAL B 130 -7.14 -6.74 3.17
N TYR B 131 -6.61 -7.46 4.16
CA TYR B 131 -7.33 -7.79 5.38
C TYR B 131 -7.11 -6.78 6.49
N ASP B 132 -6.49 -5.64 6.22
CA ASP B 132 -6.20 -4.70 7.30
C ASP B 132 -7.46 -4.38 8.09
N HIS B 133 -7.37 -4.56 9.41
CA HIS B 133 -8.49 -4.57 10.32
C HIS B 133 -8.93 -3.19 10.78
N ARG B 134 -8.18 -2.13 10.47
CA ARG B 134 -8.39 -0.86 11.15
C ARG B 134 -9.67 -0.18 10.69
N ALA B 135 -9.96 -0.26 9.39
CA ALA B 135 -11.17 0.38 8.87
C ALA B 135 -12.41 -0.27 9.46
N LEU B 136 -12.43 -1.61 9.50
CA LEU B 136 -13.64 -2.30 9.98
C LEU B 136 -13.87 -2.02 11.46
N ALA B 137 -12.82 -2.10 12.27
CA ALA B 137 -12.97 -1.88 13.71
C ALA B 137 -13.47 -0.46 13.97
N SER B 138 -12.86 0.53 13.32
CA SER B 138 -13.14 1.93 13.60
C SER B 138 -14.43 2.42 12.96
N GLU B 139 -14.82 1.90 11.81
CA GLU B 139 -16.09 2.32 11.23
C GLU B 139 -17.30 1.67 11.88
N GLU B 140 -17.14 0.48 12.48
CA GLU B 140 -18.31 -0.26 12.93
C GLU B 140 -18.34 -0.54 14.43
N ASN B 141 -17.31 -0.13 15.17
CA ASN B 141 -17.27 -0.33 16.61
C ASN B 141 -17.29 -1.81 16.98
N VAL B 142 -16.45 -2.60 16.35
CA VAL B 142 -16.28 -4.00 16.73
C VAL B 142 -14.81 -4.25 16.99
N ILE B 143 -14.53 -5.23 17.86
CA ILE B 143 -13.19 -5.78 17.97
C ILE B 143 -12.96 -6.69 16.76
N VAL B 144 -11.86 -6.50 16.05
CA VAL B 144 -11.53 -7.35 14.91
C VAL B 144 -10.33 -8.20 15.27
N VAL B 145 -10.46 -9.51 15.15
CA VAL B 145 -9.39 -10.45 15.52
C VAL B 145 -9.04 -11.28 14.30
N SER B 146 -7.77 -11.61 14.15
CA SER B 146 -7.37 -12.52 13.09
C SER B 146 -6.33 -13.48 13.64
N LEU B 147 -6.19 -14.63 12.99
CA LEU B 147 -5.30 -15.66 13.49
C LEU B 147 -4.50 -16.23 12.35
N GLN B 148 -3.29 -16.71 12.66
CA GLN B 148 -2.55 -17.55 11.73
C GLN B 148 -2.89 -19.00 12.05
N TYR B 149 -2.80 -19.86 11.04
CA TYR B 149 -2.89 -21.29 11.25
C TYR B 149 -2.02 -21.94 10.20
N ARG B 150 -1.53 -23.14 10.51
CA ARG B 150 -0.64 -23.80 9.56
C ARG B 150 -1.40 -24.24 8.31
N VAL B 151 -0.78 -24.04 7.13
CA VAL B 151 -1.37 -24.44 5.85
C VAL B 151 -0.52 -25.50 5.18
N ALA B 152 -1.00 -26.02 4.03
CA ALA B 152 -0.27 -27.00 3.23
C ALA B 152 0.04 -28.27 4.02
N SER B 153 1.05 -29.04 3.59
CA SER B 153 1.36 -30.28 4.31
C SER B 153 1.78 -30.01 5.75
N LEU B 154 2.35 -28.84 6.04
CA LEU B 154 2.67 -28.53 7.42
C LEU B 154 1.42 -28.41 8.29
N GLY B 155 0.27 -28.18 7.69
CA GLY B 155 -0.95 -28.05 8.46
C GLY B 155 -1.90 -29.22 8.33
N PHE B 156 -1.75 -30.03 7.26
CA PHE B 156 -2.77 -31.02 6.97
C PHE B 156 -2.23 -32.37 6.54
N LEU B 157 -0.93 -32.61 6.72
CA LEU B 157 -0.42 -33.96 6.55
C LEU B 157 -1.21 -34.94 7.40
N PHE B 158 -1.61 -36.05 6.78
CA PHE B 158 -2.31 -37.12 7.47
C PHE B 158 -1.74 -38.46 7.06
N LEU B 159 -1.40 -39.28 8.06
CA LEU B 159 -0.97 -40.65 7.82
C LEU B 159 -1.74 -41.66 8.66
N GLY B 160 -2.66 -41.22 9.50
CA GLY B 160 -3.37 -42.14 10.37
C GLY B 160 -2.56 -42.65 11.53
N THR B 161 -1.49 -41.96 11.92
CA THR B 161 -0.68 -42.26 13.09
C THR B 161 -0.69 -41.08 14.05
N PRO B 162 -0.35 -41.32 15.31
CA PRO B 162 -0.37 -40.19 16.26
C PRO B 162 0.59 -39.07 15.87
N GLU B 163 1.69 -39.33 15.17
CA GLU B 163 2.62 -38.25 14.82
C GLU B 163 2.26 -37.56 13.51
N ALA B 164 1.23 -38.01 12.80
CA ALA B 164 0.67 -37.25 11.68
C ALA B 164 -0.83 -37.48 11.67
N PRO B 165 -1.54 -36.92 12.65
CA PRO B 165 -2.96 -37.27 12.85
C PRO B 165 -3.93 -36.48 11.98
N GLY B 166 -3.46 -35.47 11.24
CA GLY B 166 -4.31 -34.66 10.38
C GLY B 166 -4.87 -33.47 11.10
N ASN B 167 -5.30 -32.48 10.31
CA ASN B 167 -6.07 -31.35 10.81
C ASN B 167 -5.31 -30.48 11.81
N ALA B 168 -3.97 -30.48 11.77
CA ALA B 168 -3.19 -29.60 12.65
C ALA B 168 -3.64 -28.16 12.50
N GLY B 169 -3.79 -27.70 11.24
CA GLY B 169 -4.25 -26.32 11.03
C GLY B 169 -5.62 -26.04 11.63
N LEU B 170 -6.48 -27.06 11.71
CA LEU B 170 -7.80 -26.85 12.31
C LEU B 170 -7.70 -26.82 13.83
N PHE B 171 -6.87 -27.69 14.41
CA PHE B 171 -6.59 -27.55 15.83
C PHE B 171 -5.91 -26.22 16.16
N ASP B 172 -5.07 -25.67 15.27
CA ASP B 172 -4.54 -24.32 15.49
C ASP B 172 -5.66 -23.32 15.64
N GLN B 173 -6.60 -23.30 14.68
CA GLN B 173 -7.72 -22.37 14.75
C GLN B 173 -8.53 -22.56 16.03
N ASN B 174 -8.77 -23.82 16.42
CA ASN B 174 -9.53 -24.06 17.63
C ASN B 174 -8.80 -23.48 18.85
N LEU B 175 -7.49 -23.70 18.93
CA LEU B 175 -6.72 -23.14 20.06
C LEU B 175 -6.82 -21.62 20.08
N ALA B 176 -6.75 -20.98 18.91
CA ALA B 176 -6.92 -19.53 18.88
C ALA B 176 -8.31 -19.13 19.34
N LEU B 177 -9.33 -19.91 18.97
CA LEU B 177 -10.68 -19.62 19.47
C LEU B 177 -10.71 -19.67 20.99
N ARG B 178 -10.04 -20.66 21.58
N ARG B 178 -10.10 -20.71 21.59
CA ARG B 178 -9.99 -20.75 23.05
CA ARG B 178 -9.94 -20.75 23.03
C ARG B 178 -9.21 -19.58 23.66
C ARG B 178 -9.33 -19.45 23.54
N TRP B 179 -8.20 -19.05 22.96
CA TRP B 179 -7.50 -17.86 23.44
C TRP B 179 -8.44 -16.67 23.48
N VAL B 180 -9.22 -16.48 22.41
CA VAL B 180 -10.15 -15.35 22.33
C VAL B 180 -11.20 -15.44 23.43
N ARG B 181 -11.69 -16.64 23.72
CA ARG B 181 -12.74 -16.74 24.73
C ARG B 181 -12.16 -16.47 26.12
N ASP B 182 -10.93 -16.91 26.37
CA ASP B 182 -10.28 -16.69 27.65
C ASP B 182 -9.78 -15.24 27.85
N ASN B 183 -9.63 -14.44 26.80
CA ASN B 183 -8.89 -13.18 26.90
C ASN B 183 -9.56 -11.96 26.31
N ILE B 184 -10.53 -12.10 25.40
CA ILE B 184 -10.92 -10.94 24.61
C ILE B 184 -11.64 -9.88 25.43
N HIS B 185 -12.10 -10.22 26.64
CA HIS B 185 -12.80 -9.21 27.43
C HIS B 185 -11.84 -8.16 27.96
N ARG B 186 -10.57 -8.52 28.12
CA ARG B 186 -9.50 -7.60 28.47
C ARG B 186 -9.21 -6.58 27.39
N PHE B 187 -9.71 -6.79 26.17
CA PHE B 187 -9.53 -5.83 25.10
C PHE B 187 -10.82 -5.09 24.79
N GLY B 188 -11.87 -5.34 25.55
CA GLY B 188 -13.13 -4.68 25.33
C GLY B 188 -14.14 -5.47 24.51
N GLY B 189 -13.93 -6.78 24.34
CA GLY B 189 -14.86 -7.62 23.60
C GLY B 189 -15.70 -8.49 24.51
N ASP B 190 -16.89 -8.82 24.06
CA ASP B 190 -17.76 -9.76 24.78
C ASP B 190 -17.48 -11.17 24.27
N PRO B 191 -16.87 -12.06 25.07
CA PRO B 191 -16.57 -13.40 24.54
C PRO B 191 -17.81 -14.24 24.20
N SER B 192 -19.01 -13.79 24.60
N SER B 192 -19.00 -13.80 24.59
CA SER B 192 -20.25 -14.43 24.18
CA SER B 192 -20.21 -14.47 24.15
C SER B 192 -20.79 -13.83 22.88
C SER B 192 -20.79 -13.82 22.90
N ARG B 193 -20.01 -12.97 22.21
CA ARG B 193 -20.44 -12.32 20.98
C ARG B 193 -19.37 -12.38 19.90
N VAL B 194 -18.78 -13.57 19.73
CA VAL B 194 -17.77 -13.80 18.69
C VAL B 194 -18.48 -14.31 17.43
N THR B 195 -18.35 -13.56 16.33
CA THR B 195 -18.75 -14.01 15.00
C THR B 195 -17.50 -14.44 14.24
N LEU B 196 -17.48 -15.69 13.78
CA LEU B 196 -16.41 -16.12 12.88
C LEU B 196 -16.76 -15.65 11.47
N PHE B 197 -15.81 -15.07 10.75
CA PHE B 197 -16.05 -14.90 9.33
C PHE B 197 -14.80 -15.27 8.56
N GLY B 198 -15.02 -15.79 7.35
CA GLY B 198 -13.96 -16.31 6.53
C GLY B 198 -14.41 -16.37 5.09
N GLU B 199 -13.43 -16.51 4.19
CA GLU B 199 -13.71 -16.58 2.77
C GLU B 199 -12.96 -17.78 2.22
N SER B 200 -13.61 -18.52 1.31
CA SER B 200 -12.98 -19.64 0.61
C SER B 200 -12.63 -20.78 1.57
N ALA B 201 -11.36 -21.20 1.60
CA ALA B 201 -10.95 -22.20 2.59
C ALA B 201 -11.16 -21.70 4.02
N GLY B 202 -11.09 -20.37 4.23
CA GLY B 202 -11.47 -19.82 5.53
C GLY B 202 -12.96 -19.98 5.83
N ALA B 203 -13.81 -19.90 4.79
CA ALA B 203 -15.22 -20.20 5.01
C ALA B 203 -15.43 -21.68 5.28
N VAL B 204 -14.74 -22.58 4.57
CA VAL B 204 -14.84 -23.99 4.92
C VAL B 204 -14.46 -24.19 6.38
N SER B 205 -13.33 -23.57 6.78
CA SER B 205 -12.88 -23.62 8.16
C SER B 205 -13.98 -23.18 9.13
N VAL B 206 -14.56 -22.01 8.88
CA VAL B 206 -15.67 -21.54 9.72
C VAL B 206 -16.75 -22.61 9.80
N SER B 207 -17.15 -23.17 8.66
CA SER B 207 -18.25 -24.13 8.67
C SER B 207 -17.90 -25.38 9.47
N LEU B 208 -16.63 -25.78 9.49
CA LEU B 208 -16.20 -26.94 10.26
C LEU B 208 -16.25 -26.67 11.76
N HIS B 209 -16.03 -25.42 12.18
CA HIS B 209 -16.28 -25.04 13.57
C HIS B 209 -17.77 -25.07 13.89
N LEU B 210 -18.63 -24.97 12.88
CA LEU B 210 -20.06 -25.13 13.13
C LEU B 210 -20.41 -26.58 13.35
N LEU B 211 -19.51 -27.49 12.98
CA LEU B 211 -19.76 -28.92 13.15
C LEU B 211 -19.06 -29.50 14.36
N SER B 212 -17.79 -29.15 14.59
CA SER B 212 -16.96 -29.85 15.57
C SER B 212 -17.49 -29.73 16.99
N ALA B 213 -17.45 -30.85 17.73
CA ALA B 213 -17.79 -30.72 19.15
C ALA B 213 -16.77 -29.89 19.93
N LEU B 214 -15.52 -29.78 19.44
CA LEU B 214 -14.49 -29.01 20.16
C LEU B 214 -14.69 -27.52 20.04
N SER B 215 -15.36 -27.05 18.98
CA SER B 215 -15.55 -25.62 18.76
C SER B 215 -16.94 -25.13 19.13
N ARG B 216 -17.86 -26.04 19.47
CA ARG B 216 -19.27 -25.72 19.59
C ARG B 216 -19.56 -24.55 20.55
N ASP B 217 -18.86 -24.48 21.67
CA ASP B 217 -19.15 -23.41 22.64
C ASP B 217 -18.19 -22.25 22.53
N LEU B 218 -17.38 -22.18 21.48
CA LEU B 218 -16.34 -21.16 21.40
C LEU B 218 -16.75 -19.90 20.63
N PHE B 219 -17.98 -19.80 20.10
CA PHE B 219 -18.37 -18.62 19.34
C PHE B 219 -19.88 -18.58 19.21
N GLN B 220 -20.39 -17.45 18.71
CA GLN B 220 -21.83 -17.22 18.68
C GLN B 220 -22.43 -17.45 17.29
N ARG B 221 -21.88 -16.85 16.22
CA ARG B 221 -22.48 -17.04 14.89
C ARG B 221 -21.39 -16.99 13.82
N ALA B 222 -21.81 -17.10 12.55
CA ALA B 222 -20.85 -17.35 11.47
C ALA B 222 -21.22 -16.64 10.16
N ILE B 223 -20.20 -16.15 9.47
CA ILE B 223 -20.31 -15.57 8.14
C ILE B 223 -19.43 -16.39 7.21
N LEU B 224 -19.99 -16.87 6.11
CA LEU B 224 -19.26 -17.76 5.22
C LEU B 224 -19.27 -17.21 3.79
N GLN B 225 -18.15 -16.66 3.35
CA GLN B 225 -18.03 -16.06 2.01
C GLN B 225 -17.44 -17.09 1.05
N SER B 226 -18.27 -17.57 0.09
CA SER B 226 -17.83 -18.41 -1.02
C SER B 226 -17.10 -19.69 -0.58
N GLY B 227 -17.70 -20.41 0.34
CA GLY B 227 -17.06 -21.64 0.79
C GLY B 227 -18.05 -22.45 1.58
N SER B 228 -18.01 -23.78 1.46
CA SER B 228 -18.96 -24.63 2.15
C SER B 228 -18.29 -25.98 2.39
N PRO B 229 -18.63 -26.66 3.48
CA PRO B 229 -17.98 -27.94 3.78
C PRO B 229 -18.42 -29.09 2.88
N THR B 230 -19.44 -28.92 2.03
CA THR B 230 -19.79 -29.95 1.05
C THR B 230 -19.08 -29.75 -0.29
N ALA B 231 -18.21 -28.75 -0.40
CA ALA B 231 -17.49 -28.54 -1.64
C ALA B 231 -16.58 -29.74 -1.92
N PRO B 232 -16.40 -30.13 -3.19
CA PRO B 232 -15.62 -31.35 -3.47
C PRO B 232 -14.16 -31.24 -3.08
N TRP B 233 -13.60 -30.04 -3.00
CA TRP B 233 -12.22 -29.82 -2.58
C TRP B 233 -12.07 -29.64 -1.08
N ALA B 234 -13.17 -29.58 -0.32
CA ALA B 234 -13.10 -29.18 1.09
C ALA B 234 -12.48 -30.25 1.98
N LEU B 235 -12.62 -31.53 1.64
CA LEU B 235 -12.09 -32.65 2.42
C LEU B 235 -11.55 -33.69 1.48
N VAL B 236 -10.70 -34.55 2.03
CA VAL B 236 -10.16 -35.67 1.30
C VAL B 236 -10.37 -36.89 2.18
N SER B 237 -10.57 -38.05 1.56
CA SER B 237 -10.73 -39.26 2.35
C SER B 237 -9.43 -39.59 3.08
N ARG B 238 -9.56 -40.36 4.17
CA ARG B 238 -8.37 -40.74 4.94
C ARG B 238 -7.43 -41.59 4.10
N GLU B 239 -7.99 -42.49 3.28
CA GLU B 239 -7.19 -43.38 2.47
C GLU B 239 -6.39 -42.62 1.41
N GLU B 240 -7.03 -41.62 0.79
CA GLU B 240 -6.35 -40.82 -0.23
C GLU B 240 -5.36 -39.85 0.41
N ALA B 241 -5.70 -39.27 1.56
CA ALA B 241 -4.73 -38.42 2.24
C ALA B 241 -3.47 -39.21 2.55
N THR B 242 -3.61 -40.46 2.99
CA THR B 242 -2.44 -41.25 3.31
C THR B 242 -1.53 -41.40 2.09
N LEU B 243 -2.11 -41.68 0.92
CA LEU B 243 -1.30 -41.82 -0.29
C LEU B 243 -0.62 -40.50 -0.66
N ARG B 244 -1.33 -39.38 -0.55
CA ARG B 244 -0.71 -38.10 -0.88
C ARG B 244 0.46 -37.80 0.04
N ALA B 245 0.35 -38.15 1.33
CA ALA B 245 1.47 -37.96 2.23
C ALA B 245 2.65 -38.82 1.82
N LEU B 246 2.39 -40.09 1.52
CA LEU B 246 3.44 -40.99 1.07
C LEU B 246 4.06 -40.53 -0.26
N ARG B 247 3.25 -40.00 -1.19
CA ARG B 247 3.82 -39.44 -2.41
C ARG B 247 4.75 -38.28 -2.11
N LEU B 248 4.38 -37.43 -1.14
CA LEU B 248 5.25 -36.32 -0.77
C LEU B 248 6.57 -36.83 -0.18
N ALA B 249 6.50 -37.89 0.63
CA ALA B 249 7.72 -38.44 1.21
C ALA B 249 8.65 -38.94 0.11
N GLU B 250 8.11 -39.64 -0.89
CA GLU B 250 8.90 -40.09 -2.03
C GLU B 250 9.49 -38.91 -2.79
N ALA B 251 8.68 -37.90 -3.08
CA ALA B 251 9.15 -36.77 -3.88
C ALA B 251 10.34 -36.05 -3.24
N VAL B 252 10.47 -36.07 -1.90
CA VAL B 252 11.57 -35.38 -1.24
C VAL B 252 12.66 -36.33 -0.77
N GLY B 253 12.60 -37.60 -1.16
CA GLY B 253 13.66 -38.53 -0.83
C GLY B 253 13.49 -39.30 0.47
N CYS B 254 12.28 -39.42 0.96
CA CYS B 254 12.08 -40.08 2.24
C CYS B 254 11.58 -41.50 2.06
N PRO B 255 11.76 -42.35 3.06
CA PRO B 255 11.09 -43.66 3.02
C PRO B 255 9.57 -43.48 2.93
N HIS B 256 8.91 -44.39 2.23
CA HIS B 256 7.50 -44.20 1.93
C HIS B 256 6.78 -45.53 1.88
N GLU B 257 7.10 -46.42 2.82
CA GLU B 257 6.44 -47.71 2.82
C GLU B 257 5.20 -47.69 3.70
N PRO B 258 4.03 -48.09 3.17
CA PRO B 258 2.79 -48.04 3.97
C PRO B 258 2.88 -48.79 5.28
N SER B 259 3.83 -49.70 5.44
CA SER B 259 3.91 -50.54 6.63
C SER B 259 4.78 -49.94 7.73
N LYS B 260 5.70 -49.03 7.41
CA LYS B 260 6.52 -48.36 8.44
C LYS B 260 6.36 -46.84 8.31
N LEU B 261 5.22 -46.35 8.80
CA LEU B 261 4.93 -44.93 8.75
C LEU B 261 5.81 -44.13 9.70
N SER B 262 6.33 -44.75 10.76
CA SER B 262 7.24 -44.03 11.64
C SER B 262 8.46 -43.55 10.87
N ASP B 263 8.99 -44.38 9.97
CA ASP B 263 10.19 -43.98 9.25
C ASP B 263 9.92 -42.80 8.34
N ALA B 264 8.72 -42.76 7.74
CA ALA B 264 8.37 -41.68 6.80
C ALA B 264 8.17 -40.35 7.51
N VAL B 265 7.45 -40.36 8.64
CA VAL B 265 7.22 -39.11 9.37
C VAL B 265 8.53 -38.54 9.88
N GLU B 266 9.44 -39.40 10.36
CA GLU B 266 10.66 -38.89 10.99
C GLU B 266 11.57 -38.22 9.98
N CYS B 267 11.71 -38.82 8.80
CA CYS B 267 12.43 -38.15 7.73
C CYS B 267 11.74 -36.84 7.36
N LEU B 268 10.41 -36.85 7.23
CA LEU B 268 9.73 -35.62 6.85
C LEU B 268 9.97 -34.51 7.87
N ARG B 269 10.11 -34.87 9.15
CA ARG B 269 10.35 -33.88 10.18
C ARG B 269 11.72 -33.25 10.05
N GLY B 270 12.64 -33.88 9.32
CA GLY B 270 13.99 -33.37 9.17
C GLY B 270 14.18 -32.52 7.93
N LYS B 271 13.18 -32.49 7.03
CA LYS B 271 13.29 -31.76 5.76
C LYS B 271 13.11 -30.26 5.96
N ASP B 272 13.69 -29.48 5.05
CA ASP B 272 13.47 -28.04 5.08
C ASP B 272 11.99 -27.77 4.79
N PRO B 273 11.35 -26.85 5.52
CA PRO B 273 9.91 -26.66 5.33
C PRO B 273 9.56 -26.15 3.93
N HIS B 274 10.41 -25.31 3.33
CA HIS B 274 10.15 -24.85 1.96
C HIS B 274 10.26 -25.99 0.96
N VAL B 275 11.15 -26.95 1.19
CA VAL B 275 11.20 -28.11 0.31
C VAL B 275 9.88 -28.88 0.34
N LEU B 276 9.26 -28.99 1.53
CA LEU B 276 8.03 -29.75 1.65
C LEU B 276 6.88 -29.09 0.87
N VAL B 277 6.63 -27.80 1.12
CA VAL B 277 5.47 -27.20 0.48
C VAL B 277 5.67 -27.09 -1.02
N ASN B 278 6.93 -27.00 -1.48
CA ASN B 278 7.18 -26.89 -2.92
C ASN B 278 7.13 -28.22 -3.66
N ASN B 279 6.94 -29.35 -2.98
CA ASN B 279 6.87 -30.63 -3.67
C ASN B 279 5.53 -31.32 -3.56
N GLU B 280 4.44 -30.58 -3.28
CA GLU B 280 3.13 -31.20 -3.03
C GLU B 280 2.30 -31.41 -4.28
N TRP B 281 2.74 -30.90 -5.42
CA TRP B 281 1.86 -30.66 -6.55
C TRP B 281 2.06 -31.73 -7.62
N GLY B 282 1.30 -32.81 -7.49
CA GLY B 282 1.34 -33.86 -8.48
C GLY B 282 0.37 -33.60 -9.62
N THR B 283 -0.25 -34.67 -10.10
CA THR B 283 -1.25 -34.55 -11.15
C THR B 283 -2.60 -34.44 -10.45
N LEU B 284 -3.09 -33.20 -10.33
CA LEU B 284 -4.38 -32.93 -9.73
C LEU B 284 -5.16 -32.04 -10.67
N GLY B 285 -6.46 -32.28 -10.77
CA GLY B 285 -7.33 -31.47 -11.60
C GLY B 285 -7.60 -30.10 -11.00
N ILE B 286 -8.46 -29.35 -11.69
CA ILE B 286 -8.76 -28.00 -11.23
C ILE B 286 -9.51 -28.08 -9.90
N CYS B 287 -9.24 -27.12 -9.00
CA CYS B 287 -9.89 -27.05 -7.69
C CYS B 287 -9.68 -28.34 -6.89
N GLU B 288 -8.52 -28.95 -7.03
CA GLU B 288 -8.16 -30.10 -6.21
C GLU B 288 -6.90 -29.72 -5.44
N PHE B 289 -6.99 -29.63 -4.13
CA PHE B 289 -5.84 -29.18 -3.37
C PHE B 289 -5.26 -30.33 -2.56
N PRO B 290 -3.94 -30.50 -2.54
CA PRO B 290 -3.35 -31.75 -2.04
C PRO B 290 -3.55 -32.02 -0.56
N PHE B 291 -3.42 -31.02 0.32
CA PHE B 291 -3.50 -31.26 1.76
C PHE B 291 -4.58 -30.39 2.36
N VAL B 292 -5.69 -31.02 2.75
CA VAL B 292 -6.89 -30.32 3.22
C VAL B 292 -7.47 -31.09 4.41
N PRO B 293 -8.51 -30.60 5.07
CA PRO B 293 -9.08 -31.34 6.21
C PRO B 293 -9.46 -32.78 5.87
N VAL B 294 -9.37 -33.65 6.88
CA VAL B 294 -9.89 -35.02 6.85
C VAL B 294 -10.85 -35.22 8.02
N VAL B 295 -11.59 -36.35 7.99
CA VAL B 295 -12.36 -36.83 9.13
C VAL B 295 -11.39 -37.63 10.02
N ASP B 296 -11.04 -37.07 11.18
CA ASP B 296 -9.91 -37.57 11.98
C ASP B 296 -10.34 -38.38 13.20
N GLY B 297 -11.51 -38.13 13.76
CA GLY B 297 -11.96 -38.80 14.96
C GLY B 297 -12.13 -37.89 16.14
N ALA B 298 -11.48 -36.73 16.12
CA ALA B 298 -11.49 -35.81 17.25
C ALA B 298 -11.99 -34.43 16.86
N PHE B 299 -11.47 -33.81 15.77
CA PHE B 299 -12.05 -32.54 15.37
C PHE B 299 -13.38 -32.77 14.64
N LEU B 300 -13.42 -33.72 13.69
CA LEU B 300 -14.65 -34.26 13.12
C LEU B 300 -14.61 -35.77 13.27
N ASP B 301 -15.75 -36.40 13.54
CA ASP B 301 -15.78 -37.86 13.54
C ASP B 301 -16.80 -38.41 12.55
N GLU B 302 -17.32 -37.58 11.66
CA GLU B 302 -18.11 -38.01 10.51
C GLU B 302 -17.99 -36.93 9.45
N THR B 303 -18.26 -37.32 8.19
CA THR B 303 -18.20 -36.36 7.10
C THR B 303 -19.20 -35.22 7.34
N PRO B 304 -18.90 -34.03 6.82
CA PRO B 304 -19.89 -32.94 6.87
C PRO B 304 -21.25 -33.32 6.31
N GLN B 305 -21.33 -34.11 5.22
CA GLN B 305 -22.67 -34.37 4.70
C GLN B 305 -23.47 -35.24 5.68
N ARG B 306 -22.80 -36.13 6.44
CA ARG B 306 -23.54 -36.90 7.45
C ARG B 306 -23.96 -36.02 8.63
N SER B 307 -23.14 -35.04 9.00
CA SER B 307 -23.58 -34.12 10.04
C SER B 307 -24.77 -33.30 9.58
N LEU B 308 -24.75 -32.87 8.31
CA LEU B 308 -25.84 -32.04 7.82
C LEU B 308 -27.13 -32.85 7.71
N ALA B 309 -27.03 -34.08 7.19
CA ALA B 309 -28.21 -34.93 7.03
C ALA B 309 -28.87 -35.23 8.38
N SER B 310 -28.08 -35.31 9.45
CA SER B 310 -28.63 -35.70 10.76
C SER B 310 -28.96 -34.50 11.65
N GLY B 311 -28.68 -33.27 11.23
CA GLY B 311 -28.91 -32.13 12.10
C GLY B 311 -27.88 -31.92 13.20
N ARG B 312 -26.75 -32.62 13.15
CA ARG B 312 -25.68 -32.44 14.14
C ARG B 312 -24.79 -31.26 13.73
N PHE B 313 -25.29 -30.05 13.97
CA PHE B 313 -24.49 -28.86 13.74
C PHE B 313 -25.04 -27.74 14.62
N LYS B 314 -24.20 -26.73 14.82
CA LYS B 314 -24.52 -25.68 15.77
C LYS B 314 -25.77 -24.93 15.35
N LYS B 315 -26.66 -24.69 16.32
CA LYS B 315 -27.90 -23.98 16.05
C LYS B 315 -27.65 -22.51 16.24
N THR B 316 -27.55 -21.79 15.12
CA THR B 316 -27.24 -20.37 15.17
C THR B 316 -27.54 -19.78 13.80
N GLU B 317 -27.49 -18.45 13.73
CA GLU B 317 -27.69 -17.76 12.46
C GLU B 317 -26.43 -17.85 11.63
N ILE B 318 -26.58 -17.83 10.30
CA ILE B 318 -25.43 -17.71 9.39
C ILE B 318 -25.75 -16.73 8.27
N LEU B 319 -24.73 -16.06 7.77
CA LEU B 319 -24.81 -15.19 6.62
C LEU B 319 -23.79 -15.69 5.61
N THR B 320 -24.21 -15.88 4.37
CA THR B 320 -23.37 -16.60 3.42
C THR B 320 -23.74 -16.15 2.01
N GLY B 321 -22.87 -16.43 1.04
CA GLY B 321 -23.13 -15.95 -0.31
C GLY B 321 -22.04 -16.33 -1.29
N SER B 322 -22.22 -15.88 -2.54
CA SER B 322 -21.37 -16.21 -3.68
C SER B 322 -21.19 -14.98 -4.56
N ASN B 323 -20.17 -15.04 -5.41
CA ASN B 323 -19.89 -14.05 -6.44
C ASN B 323 -20.31 -14.57 -7.82
N THR B 324 -20.47 -13.66 -8.78
CA THR B 324 -21.04 -14.12 -10.05
C THR B 324 -20.05 -14.93 -10.89
N GLU B 325 -18.74 -14.68 -10.78
CA GLU B 325 -17.75 -15.39 -11.61
C GLU B 325 -16.77 -16.17 -10.72
N GLU B 326 -17.27 -17.21 -10.07
CA GLU B 326 -16.47 -17.99 -9.12
C GLU B 326 -15.41 -18.85 -9.81
N GLY B 327 -15.62 -19.20 -11.08
CA GLY B 327 -14.75 -20.18 -11.72
C GLY B 327 -13.48 -19.63 -12.36
N TYR B 328 -13.52 -18.38 -12.86
CA TYR B 328 -12.48 -17.84 -13.75
C TYR B 328 -11.10 -17.85 -13.09
N TYR B 329 -11.00 -17.33 -11.87
CA TYR B 329 -9.73 -17.31 -11.16
C TYR B 329 -9.02 -18.66 -11.27
N PHE B 330 -9.74 -19.74 -11.04
CA PHE B 330 -9.06 -21.04 -11.04
C PHE B 330 -8.76 -21.54 -12.45
N ILE B 331 -9.61 -21.20 -13.43
CA ILE B 331 -9.34 -21.60 -14.81
C ILE B 331 -8.15 -20.84 -15.35
N ILE B 332 -8.03 -19.56 -14.97
CA ILE B 332 -6.89 -18.76 -15.41
C ILE B 332 -5.56 -19.42 -15.02
N TYR B 333 -5.51 -20.05 -13.85
CA TYR B 333 -4.27 -20.68 -13.40
C TYR B 333 -4.12 -22.11 -13.86
N TYR B 334 -5.19 -22.73 -14.38
CA TYR B 334 -5.17 -24.14 -14.77
C TYR B 334 -5.09 -24.35 -16.29
N LEU B 335 -5.89 -23.61 -17.06
CA LEU B 335 -5.81 -23.65 -18.53
C LEU B 335 -5.10 -22.39 -19.02
N THR B 336 -3.78 -22.37 -18.78
CA THR B 336 -2.98 -21.17 -19.06
C THR B 336 -2.85 -20.87 -20.55
N GLU B 337 -3.00 -21.87 -21.42
CA GLU B 337 -3.02 -21.57 -22.86
C GLU B 337 -4.38 -21.04 -23.30
N LEU B 338 -5.49 -21.59 -22.75
CA LEU B 338 -6.82 -21.24 -23.26
C LEU B 338 -7.25 -19.87 -22.78
N LEU B 339 -7.19 -19.61 -21.47
CA LEU B 339 -7.58 -18.31 -20.91
C LEU B 339 -6.33 -17.52 -20.50
N ARG B 340 -5.62 -17.02 -21.49
CA ARG B 340 -4.50 -16.13 -21.23
C ARG B 340 -4.98 -14.89 -20.50
N LYS B 341 -4.15 -14.33 -19.63
CA LYS B 341 -4.57 -13.17 -18.86
C LYS B 341 -4.43 -11.87 -19.67
N GLU B 342 -5.18 -11.80 -20.77
CA GLU B 342 -5.17 -10.67 -21.72
C GLU B 342 -6.60 -10.19 -21.95
N GLU B 343 -6.71 -8.98 -22.48
CA GLU B 343 -8.01 -8.49 -22.91
C GLU B 343 -8.50 -9.22 -24.18
N GLY B 344 -9.83 -9.33 -24.31
CA GLY B 344 -10.43 -9.86 -25.54
C GLY B 344 -10.36 -11.36 -25.73
N VAL B 345 -10.10 -12.13 -24.67
CA VAL B 345 -10.10 -13.59 -24.79
C VAL B 345 -11.50 -14.09 -25.10
N THR B 346 -11.60 -15.10 -25.99
CA THR B 346 -12.84 -15.80 -26.29
C THR B 346 -12.52 -17.28 -26.45
N VAL B 347 -13.56 -18.11 -26.49
CA VAL B 347 -13.35 -19.56 -26.59
C VAL B 347 -14.23 -20.07 -27.72
N THR B 348 -13.61 -20.82 -28.64
CA THR B 348 -14.36 -21.43 -29.73
C THR B 348 -15.16 -22.63 -29.23
N ARG B 349 -16.21 -22.97 -29.99
CA ARG B 349 -17.01 -24.14 -29.62
C ARG B 349 -16.15 -25.39 -29.54
N GLU B 350 -15.19 -25.53 -30.45
CA GLU B 350 -14.34 -26.71 -30.42
C GLU B 350 -13.42 -26.67 -29.18
N GLU B 351 -12.95 -25.48 -28.80
CA GLU B 351 -12.17 -25.36 -27.57
C GLU B 351 -13.04 -25.63 -26.34
N PHE B 352 -14.28 -25.14 -26.33
CA PHE B 352 -15.16 -25.41 -25.20
C PHE B 352 -15.36 -26.91 -25.01
N LEU B 353 -15.56 -27.63 -26.10
CA LEU B 353 -15.83 -29.06 -25.97
C LEU B 353 -14.62 -29.79 -25.40
N GLN B 354 -13.41 -29.34 -25.73
CA GLN B 354 -12.21 -29.94 -25.17
C GLN B 354 -12.02 -29.55 -23.70
N ALA B 355 -12.31 -28.28 -23.36
CA ALA B 355 -12.18 -27.82 -21.97
C ALA B 355 -13.11 -28.60 -21.04
N VAL B 356 -14.31 -28.96 -21.50
CA VAL B 356 -15.23 -29.67 -20.64
C VAL B 356 -14.61 -30.97 -20.16
N ARG B 357 -13.85 -31.65 -21.04
CA ARG B 357 -13.22 -32.89 -20.62
C ARG B 357 -12.05 -32.64 -19.66
N GLU B 358 -11.29 -31.56 -19.89
CA GLU B 358 -10.15 -31.27 -19.03
C GLU B 358 -10.60 -30.81 -17.65
N LEU B 359 -11.75 -30.13 -17.56
CA LEU B 359 -12.24 -29.57 -16.32
C LEU B 359 -13.17 -30.52 -15.55
N ASN B 360 -13.60 -31.63 -16.14
CA ASN B 360 -14.34 -32.68 -15.43
C ASN B 360 -13.74 -34.01 -15.85
N PRO B 361 -12.49 -34.28 -15.46
CA PRO B 361 -11.76 -35.42 -16.03
C PRO B 361 -12.16 -36.77 -15.48
N TYR B 362 -13.08 -36.83 -14.52
CA TYR B 362 -13.39 -38.08 -13.85
C TYR B 362 -14.71 -38.71 -14.31
N VAL B 363 -15.50 -38.02 -15.13
CA VAL B 363 -16.86 -38.49 -15.48
C VAL B 363 -16.84 -39.14 -16.86
N ASN B 364 -17.81 -40.02 -17.10
CA ASN B 364 -17.83 -40.82 -18.33
C ASN B 364 -18.41 -40.01 -19.49
N GLY B 365 -18.51 -40.65 -20.66
CA GLY B 365 -19.00 -39.97 -21.83
C GLY B 365 -20.40 -39.39 -21.65
N ALA B 366 -21.31 -40.18 -21.07
CA ALA B 366 -22.68 -39.70 -20.93
C ALA B 366 -22.74 -38.46 -20.03
N ALA B 367 -21.93 -38.43 -18.98
CA ALA B 367 -21.92 -37.27 -18.09
C ALA B 367 -21.37 -36.03 -18.79
N ARG B 368 -20.30 -36.17 -19.57
CA ARG B 368 -19.75 -35.01 -20.26
C ARG B 368 -20.77 -34.40 -21.22
N GLN B 369 -21.50 -35.25 -21.96
CA GLN B 369 -22.60 -34.79 -22.82
C GLN B 369 -23.59 -33.95 -22.04
N ALA B 370 -23.97 -34.43 -20.85
CA ALA B 370 -24.94 -33.69 -20.04
C ALA B 370 -24.38 -32.35 -19.63
N ILE B 371 -23.10 -32.31 -19.25
CA ILE B 371 -22.49 -31.04 -18.87
C ILE B 371 -22.52 -30.08 -20.05
N VAL B 372 -22.16 -30.58 -21.25
CA VAL B 372 -22.17 -29.75 -22.45
C VAL B 372 -23.56 -29.18 -22.68
N PHE B 373 -24.59 -30.05 -22.62
CA PHE B 373 -25.95 -29.58 -22.85
C PHE B 373 -26.35 -28.55 -21.81
N GLU B 374 -26.05 -28.82 -20.54
CA GLU B 374 -26.43 -27.89 -19.48
C GLU B 374 -25.72 -26.54 -19.63
N TYR B 375 -24.49 -26.52 -20.17
CA TYR B 375 -23.73 -25.28 -20.21
C TYR B 375 -23.50 -24.76 -21.63
N THR B 376 -24.48 -24.92 -22.51
CA THR B 376 -24.45 -24.34 -23.85
C THR B 376 -25.48 -23.23 -23.90
N ASP B 377 -25.15 -22.12 -24.55
CA ASP B 377 -26.12 -21.05 -24.80
C ASP B 377 -26.92 -21.43 -26.05
N TRP B 378 -28.14 -22.00 -25.87
CA TRP B 378 -28.87 -22.54 -27.01
C TRP B 378 -29.50 -21.46 -27.88
N THR B 379 -29.53 -20.21 -27.43
CA THR B 379 -29.82 -19.08 -28.29
C THR B 379 -28.74 -18.85 -29.35
N GLU B 380 -27.47 -19.16 -29.03
CA GLU B 380 -26.37 -19.01 -29.96
C GLU B 380 -25.22 -19.95 -29.58
N PRO B 381 -25.34 -21.24 -29.91
CA PRO B 381 -24.41 -22.22 -29.34
C PRO B 381 -22.93 -21.96 -29.59
N ASP B 382 -22.57 -21.34 -30.72
CA ASP B 382 -21.16 -21.21 -31.05
C ASP B 382 -20.59 -19.85 -30.67
N ASN B 383 -21.39 -18.97 -30.05
CA ASN B 383 -20.91 -17.65 -29.67
C ASN B 383 -19.63 -17.77 -28.83
N PRO B 384 -18.51 -17.16 -29.24
CA PRO B 384 -17.24 -17.39 -28.53
C PRO B 384 -17.21 -16.73 -27.15
N ASN B 385 -17.99 -15.68 -26.90
CA ASN B 385 -18.17 -15.19 -25.53
C ASN B 385 -18.97 -16.19 -24.67
N SER B 386 -20.10 -16.71 -25.21
CA SER B 386 -20.91 -17.64 -24.44
C SER B 386 -20.12 -18.88 -24.05
N ASN B 387 -19.28 -19.38 -24.96
CA ASN B 387 -18.52 -20.58 -24.60
C ASN B 387 -17.43 -20.30 -23.55
N ARG B 388 -16.96 -19.06 -23.47
CA ARG B 388 -15.98 -18.73 -22.42
C ARG B 388 -16.66 -18.62 -21.07
N ASP B 389 -17.77 -17.87 -21.03
CA ASP B 389 -18.56 -17.75 -19.81
C ASP B 389 -19.08 -19.10 -19.32
N ALA B 390 -19.40 -20.02 -20.23
CA ALA B 390 -19.86 -21.33 -19.80
C ALA B 390 -18.81 -22.03 -18.96
N LEU B 391 -17.54 -21.79 -19.27
CA LEU B 391 -16.45 -22.41 -18.51
C LEU B 391 -16.42 -21.88 -17.09
N ASP B 392 -16.56 -20.56 -16.91
CA ASP B 392 -16.61 -20.04 -15.55
C ASP B 392 -17.76 -20.66 -14.79
N LYS B 393 -18.94 -20.71 -15.43
CA LYS B 393 -20.15 -21.07 -14.74
C LYS B 393 -20.13 -22.54 -14.30
N MET B 394 -19.60 -23.43 -15.14
CA MET B 394 -19.61 -24.82 -14.73
C MET B 394 -18.60 -25.09 -13.63
N VAL B 395 -17.45 -24.39 -13.65
CA VAL B 395 -16.48 -24.54 -12.57
C VAL B 395 -17.01 -23.90 -11.29
N GLY B 396 -17.54 -22.67 -11.43
CA GLY B 396 -18.06 -21.96 -10.27
C GLY B 396 -19.27 -22.64 -9.63
N ASP B 397 -20.19 -23.17 -10.46
CA ASP B 397 -21.38 -23.86 -9.92
C ASP B 397 -20.98 -25.10 -9.13
N TYR B 398 -20.17 -25.97 -9.72
CA TYR B 398 -19.83 -27.24 -9.10
C TYR B 398 -18.94 -27.04 -7.87
N HIS B 399 -17.91 -26.20 -7.96
CA HIS B 399 -16.97 -26.10 -6.86
C HIS B 399 -17.36 -25.04 -5.83
N PHE B 400 -18.23 -24.10 -6.16
CA PHE B 400 -18.51 -23.07 -5.18
C PHE B 400 -20.00 -22.85 -4.92
N THR B 401 -20.70 -22.24 -5.87
CA THR B 401 -22.03 -21.70 -5.64
C THR B 401 -23.02 -22.75 -5.12
N CYS B 402 -23.02 -23.94 -5.72
CA CYS B 402 -24.02 -24.95 -5.37
C CYS B 402 -23.77 -25.54 -4.00
N ASN B 403 -22.54 -25.46 -3.51
CA ASN B 403 -22.25 -25.95 -2.18
C ASN B 403 -22.65 -24.95 -1.13
N VAL B 404 -22.46 -23.66 -1.40
CA VAL B 404 -22.98 -22.63 -0.51
C VAL B 404 -24.50 -22.75 -0.40
N ASN B 405 -25.18 -22.96 -1.53
CA ASN B 405 -26.63 -23.12 -1.51
C ASN B 405 -27.03 -24.31 -0.65
N GLU B 406 -26.33 -25.43 -0.80
CA GLU B 406 -26.68 -26.63 -0.04
C GLU B 406 -26.57 -26.39 1.47
N PHE B 407 -25.49 -25.74 1.89
CA PHE B 407 -25.28 -25.47 3.32
C PHE B 407 -26.34 -24.53 3.87
N ALA B 408 -26.58 -23.42 3.17
CA ALA B 408 -27.61 -22.48 3.60
C ALA B 408 -28.98 -23.15 3.67
N GLN B 409 -29.24 -24.08 2.75
CA GLN B 409 -30.53 -24.77 2.72
C GLN B 409 -30.73 -25.65 3.94
N ARG B 410 -29.75 -26.51 4.26
N ARG B 410 -29.77 -26.53 4.23
CA ARG B 410 -29.89 -27.35 5.45
CA ARG B 410 -29.79 -27.34 5.44
C ARG B 410 -29.97 -26.50 6.73
C ARG B 410 -30.00 -26.49 6.67
N TYR B 411 -29.20 -25.43 6.82
CA TYR B 411 -29.33 -24.57 8.00
C TYR B 411 -30.75 -24.04 8.12
N ALA B 412 -31.34 -23.63 7.00
CA ALA B 412 -32.66 -23.02 7.06
C ALA B 412 -33.74 -24.05 7.37
N GLU B 413 -33.61 -25.27 6.82
CA GLU B 413 -34.56 -26.35 7.11
C GLU B 413 -34.59 -26.69 8.59
N GLU B 414 -33.47 -26.50 9.27
CA GLU B 414 -33.42 -26.87 10.68
C GLU B 414 -33.89 -25.74 11.58
N GLY B 415 -34.51 -24.71 10.99
CA GLY B 415 -35.08 -23.63 11.76
C GLY B 415 -34.17 -22.45 12.07
N ASN B 416 -32.98 -22.37 11.45
CA ASN B 416 -32.09 -21.24 11.72
C ASN B 416 -32.29 -20.12 10.73
N ASN B 417 -32.14 -18.88 11.20
CA ASN B 417 -32.15 -17.72 10.31
C ASN B 417 -30.92 -17.71 9.42
N VAL B 418 -31.15 -17.59 8.11
CA VAL B 418 -30.09 -17.61 7.12
C VAL B 418 -30.21 -16.36 6.26
N TYR B 419 -29.08 -15.72 5.95
CA TYR B 419 -29.06 -14.60 5.03
C TYR B 419 -28.10 -14.91 3.89
N MET B 420 -28.60 -14.80 2.65
CA MET B 420 -27.89 -15.23 1.45
C MET B 420 -27.67 -14.02 0.55
N TYR B 421 -26.45 -13.85 0.02
CA TYR B 421 -26.15 -12.78 -0.92
C TYR B 421 -25.58 -13.34 -2.21
N LEU B 422 -25.75 -12.57 -3.30
CA LEU B 422 -25.04 -12.76 -4.55
C LEU B 422 -24.29 -11.47 -4.83
N TYR B 423 -22.96 -11.51 -4.80
CA TYR B 423 -22.15 -10.31 -4.91
C TYR B 423 -21.82 -10.09 -6.39
N THR B 424 -22.18 -8.91 -6.91
CA THR B 424 -22.13 -8.65 -8.35
C THR B 424 -21.30 -7.43 -8.74
N HIS B 425 -20.57 -6.83 -7.80
CA HIS B 425 -19.87 -5.57 -8.04
C HIS B 425 -18.46 -5.80 -8.58
N ARG B 426 -18.14 -5.20 -9.73
CA ARG B 426 -16.76 -5.19 -10.22
C ARG B 426 -16.16 -3.81 -9.97
N SER B 427 -15.04 -3.77 -9.26
CA SER B 427 -14.39 -2.49 -8.98
C SER B 427 -13.93 -1.80 -10.26
N LYS B 428 -14.07 -0.47 -10.28
CA LYS B 428 -13.57 0.31 -11.42
C LYS B 428 -12.07 0.08 -11.65
N GLY B 429 -11.29 -0.06 -10.57
CA GLY B 429 -9.86 -0.30 -10.68
C GLY B 429 -9.42 -1.75 -10.79
N ASN B 430 -10.32 -2.70 -11.00
CA ASN B 430 -9.95 -4.11 -11.09
C ASN B 430 -8.84 -4.30 -12.12
N PRO B 431 -7.71 -4.94 -11.76
CA PRO B 431 -6.59 -5.06 -12.70
C PRO B 431 -6.66 -6.28 -13.60
N TRP B 432 -7.60 -7.15 -13.34
CA TRP B 432 -7.78 -8.32 -14.18
C TRP B 432 -8.46 -7.92 -15.50
N PRO B 433 -8.37 -8.76 -16.52
CA PRO B 433 -9.07 -8.45 -17.78
C PRO B 433 -10.58 -8.25 -17.58
N ARG B 434 -11.17 -7.40 -18.43
CA ARG B 434 -12.58 -7.03 -18.28
C ARG B 434 -13.49 -8.25 -18.32
N TRP B 435 -13.13 -9.27 -19.09
CA TRP B 435 -14.00 -10.41 -19.23
C TRP B 435 -14.08 -11.29 -17.99
N THR B 436 -13.22 -11.09 -16.98
CA THR B 436 -13.25 -11.92 -15.78
C THR B 436 -14.41 -11.58 -14.86
N GLY B 437 -15.04 -10.42 -15.03
CA GLY B 437 -16.24 -10.17 -14.24
C GLY B 437 -15.97 -9.96 -12.76
N VAL B 438 -16.80 -10.58 -11.92
CA VAL B 438 -16.69 -10.47 -10.47
C VAL B 438 -16.16 -11.80 -9.96
N MET B 439 -14.85 -11.89 -9.73
CA MET B 439 -14.22 -13.16 -9.43
C MET B 439 -14.28 -13.51 -7.93
N HIS B 440 -13.99 -14.76 -7.64
CA HIS B 440 -13.72 -15.26 -6.30
C HIS B 440 -12.81 -14.31 -5.53
N GLY B 441 -13.27 -13.87 -4.36
CA GLY B 441 -12.50 -13.00 -3.48
C GLY B 441 -12.76 -11.51 -3.63
N ASP B 442 -13.52 -11.08 -4.65
CA ASP B 442 -13.59 -9.65 -4.93
C ASP B 442 -14.26 -8.85 -3.81
N GLU B 443 -15.15 -9.48 -3.04
CA GLU B 443 -15.87 -8.79 -2.00
C GLU B 443 -15.02 -8.47 -0.78
N ILE B 444 -13.85 -9.11 -0.64
CA ILE B 444 -13.05 -8.94 0.56
C ILE B 444 -12.62 -7.47 0.75
N ASN B 445 -12.23 -6.79 -0.33
CA ASN B 445 -11.80 -5.40 -0.22
C ASN B 445 -12.90 -4.55 0.39
N TYR B 446 -14.15 -4.82 0.00
CA TYR B 446 -15.26 -4.02 0.48
C TYR B 446 -15.68 -4.40 1.90
N VAL B 447 -15.59 -5.69 2.24
CA VAL B 447 -15.88 -6.15 3.59
C VAL B 447 -14.91 -5.51 4.59
N PHE B 448 -13.65 -5.37 4.23
CA PHE B 448 -12.68 -4.76 5.14
C PHE B 448 -12.55 -3.24 4.96
N GLY B 449 -13.37 -2.61 4.11
CA GLY B 449 -13.36 -1.15 3.99
C GLY B 449 -12.14 -0.54 3.30
N GLU B 450 -11.46 -1.30 2.45
CA GLU B 450 -10.34 -0.74 1.69
C GLU B 450 -10.73 0.50 0.88
N PRO B 451 -11.90 0.59 0.24
CA PRO B 451 -12.22 1.82 -0.50
C PRO B 451 -12.14 3.10 0.32
N LEU B 452 -12.22 3.04 1.65
CA LEU B 452 -12.15 4.24 2.48
C LEU B 452 -10.73 4.76 2.65
N ASN B 453 -9.74 4.10 2.05
CA ASN B 453 -8.33 4.50 2.08
C ASN B 453 -8.10 5.61 1.07
N PRO B 454 -7.86 6.85 1.52
CA PRO B 454 -7.78 7.98 0.58
C PRO B 454 -6.58 7.92 -0.36
N THR B 455 -5.57 7.09 -0.09
CA THR B 455 -4.48 6.99 -1.06
C THR B 455 -4.81 6.06 -2.23
N LEU B 456 -5.92 5.32 -2.17
CA LEU B 456 -6.33 4.43 -3.25
C LEU B 456 -7.35 5.10 -4.17
N GLY B 457 -7.65 4.41 -5.28
CA GLY B 457 -8.43 5.02 -6.35
C GLY B 457 -9.92 4.73 -6.42
N TYR B 458 -10.58 4.40 -5.31
CA TYR B 458 -11.97 4.00 -5.36
C TYR B 458 -12.87 5.22 -5.51
N THR B 459 -13.95 5.06 -6.30
CA THR B 459 -14.91 6.15 -6.50
C THR B 459 -15.70 6.40 -5.21
N GLU B 460 -16.39 7.54 -5.17
CA GLU B 460 -17.24 7.83 -4.02
C GLU B 460 -18.38 6.82 -3.91
N ASP B 461 -18.94 6.39 -5.05
CA ASP B 461 -19.99 5.36 -5.01
C ASP B 461 -19.46 4.07 -4.40
N GLU B 462 -18.22 3.68 -4.73
CA GLU B 462 -17.65 2.48 -4.14
C GLU B 462 -17.40 2.65 -2.66
N LYS B 463 -17.08 3.85 -2.21
CA LYS B 463 -16.93 4.04 -0.78
C LYS B 463 -18.25 3.83 -0.06
N ASP B 464 -19.35 4.37 -0.61
CA ASP B 464 -20.66 4.18 0.01
C ASP B 464 -21.04 2.69 0.04
N PHE B 465 -20.81 2.00 -1.07
CA PHE B 465 -21.09 0.57 -1.15
C PHE B 465 -20.31 -0.19 -0.08
N SER B 466 -19.03 0.16 0.13
CA SER B 466 -18.25 -0.51 1.15
C SER B 466 -18.80 -0.21 2.54
N ARG B 467 -19.20 1.04 2.80
CA ARG B 467 -19.85 1.32 4.08
C ARG B 467 -21.08 0.45 4.27
N LYS B 468 -21.90 0.28 3.22
CA LYS B 468 -23.10 -0.53 3.32
C LYS B 468 -22.75 -1.97 3.67
N ILE B 469 -21.74 -2.52 3.02
CA ILE B 469 -21.42 -3.92 3.23
C ILE B 469 -20.86 -4.14 4.62
N MET B 470 -20.00 -3.23 5.10
CA MET B 470 -19.53 -3.32 6.47
C MET B 470 -20.68 -3.21 7.47
N ARG B 471 -21.67 -2.38 7.15
CA ARG B 471 -22.79 -2.21 8.06
C ARG B 471 -23.64 -3.48 8.14
N TYR B 472 -23.94 -4.11 6.99
CA TYR B 472 -24.64 -5.40 7.02
C TYR B 472 -23.85 -6.43 7.81
N TRP B 473 -22.55 -6.57 7.52
CA TRP B 473 -21.75 -7.61 8.17
C TRP B 473 -21.71 -7.41 9.68
N SER B 474 -21.51 -6.16 10.11
CA SER B 474 -21.38 -5.91 11.53
C SER B 474 -22.73 -5.91 12.25
N ASN B 475 -23.80 -5.45 11.60
CA ASN B 475 -25.15 -5.66 12.13
C ASN B 475 -25.40 -7.13 12.39
N PHE B 476 -25.07 -7.98 11.43
CA PHE B 476 -25.22 -9.41 11.61
C PHE B 476 -24.42 -9.91 12.81
N ALA B 477 -23.15 -9.49 12.92
CA ALA B 477 -22.36 -9.92 14.07
C ALA B 477 -22.97 -9.44 15.38
N LYS B 478 -23.46 -8.20 15.40
CA LYS B 478 -23.97 -7.63 16.65
C LYS B 478 -25.32 -8.24 17.05
N THR B 479 -26.21 -8.53 16.08
CA THR B 479 -27.59 -8.91 16.40
C THR B 479 -28.07 -10.20 15.75
N GLY B 480 -27.38 -10.77 14.78
CA GLY B 480 -27.92 -11.91 14.06
C GLY B 480 -28.77 -11.54 12.86
N ASN B 481 -28.85 -10.26 12.53
CA ASN B 481 -29.70 -9.76 11.46
C ASN B 481 -28.91 -8.65 10.79
N PRO B 482 -28.64 -8.73 9.49
CA PRO B 482 -27.84 -7.67 8.85
C PRO B 482 -28.60 -6.37 8.71
N ASN B 483 -29.96 -6.40 8.83
CA ASN B 483 -30.84 -5.24 8.60
C ASN B 483 -30.77 -4.26 9.77
N PRO B 484 -30.84 -2.96 9.47
CA PRO B 484 -30.93 -1.95 10.54
C PRO B 484 -32.35 -1.85 11.08
N ASN B 485 -32.50 -1.07 12.16
CA ASN B 485 -33.82 -0.91 12.78
C ASN B 485 -34.71 0.00 11.94
N THR B 486 -34.23 1.19 11.59
CA THR B 486 -34.97 2.12 10.74
C THR B 486 -34.70 1.76 9.28
N ALA B 487 -35.76 1.36 8.56
CA ALA B 487 -35.61 1.08 7.13
C ALA B 487 -35.06 2.30 6.40
N SER B 488 -34.11 2.06 5.50
CA SER B 488 -33.37 3.12 4.81
C SER B 488 -33.52 2.98 3.29
N SER B 489 -33.26 4.08 2.60
CA SER B 489 -33.19 4.05 1.13
C SER B 489 -31.81 3.58 0.68
N GLU B 490 -30.78 3.87 1.47
CA GLU B 490 -29.42 3.40 1.17
C GLU B 490 -29.18 1.97 1.61
N PHE B 491 -29.98 1.44 2.56
CA PHE B 491 -29.84 0.08 3.08
C PHE B 491 -31.11 -0.71 2.75
N PRO B 492 -31.20 -1.25 1.54
CA PRO B 492 -32.36 -2.08 1.20
C PRO B 492 -32.63 -3.21 2.21
N GLU B 493 -33.86 -3.72 2.19
CA GLU B 493 -34.24 -4.84 3.01
C GLU B 493 -33.50 -6.09 2.56
N TRP B 494 -32.95 -6.83 3.52
CA TRP B 494 -32.30 -8.09 3.19
C TRP B 494 -33.16 -9.19 3.80
N PRO B 495 -33.96 -9.87 3.01
CA PRO B 495 -34.90 -10.85 3.56
C PRO B 495 -34.17 -12.15 3.93
N LYS B 496 -34.80 -12.89 4.85
CA LYS B 496 -34.30 -14.20 5.24
C LYS B 496 -34.32 -15.17 4.08
N HIS B 497 -33.38 -16.11 4.09
CA HIS B 497 -33.29 -17.21 3.12
C HIS B 497 -33.98 -18.40 3.78
N THR B 498 -35.27 -18.57 3.49
CA THR B 498 -36.07 -19.62 4.11
C THR B 498 -35.91 -20.91 3.34
N ALA B 499 -36.32 -22.01 3.98
CA ALA B 499 -36.08 -23.32 3.39
C ALA B 499 -36.84 -23.49 2.09
N HIS B 500 -37.97 -22.81 1.93
N HIS B 500 -38.00 -22.84 1.97
CA HIS B 500 -38.73 -22.93 0.70
CA HIS B 500 -38.86 -22.88 0.79
C HIS B 500 -38.72 -21.69 -0.18
C HIS B 500 -38.61 -21.71 -0.15
N GLY B 501 -38.56 -20.49 0.38
CA GLY B 501 -38.39 -19.33 -0.47
C GLY B 501 -36.99 -19.13 -1.06
N ARG B 502 -35.95 -19.44 -0.29
CA ARG B 502 -34.53 -19.32 -0.74
C ARG B 502 -34.23 -17.95 -1.37
N HIS B 503 -34.73 -16.90 -0.74
CA HIS B 503 -34.44 -15.57 -1.26
C HIS B 503 -32.98 -15.24 -0.99
N TYR B 504 -32.40 -14.44 -1.89
CA TYR B 504 -31.07 -13.87 -1.70
C TYR B 504 -31.08 -12.40 -2.14
N LEU B 505 -30.15 -11.63 -1.56
CA LEU B 505 -30.03 -10.22 -1.91
C LEU B 505 -28.83 -10.03 -2.83
N GLU B 506 -29.05 -9.32 -3.92
CA GLU B 506 -27.96 -8.98 -4.82
C GLU B 506 -27.22 -7.78 -4.23
N LEU B 507 -25.89 -7.94 -4.04
CA LEU B 507 -25.04 -6.88 -3.53
C LEU B 507 -24.33 -6.22 -4.71
N GLY B 508 -24.65 -4.97 -4.96
CA GLY B 508 -24.08 -4.26 -6.08
C GLY B 508 -24.33 -2.78 -5.91
N LEU B 509 -23.79 -2.01 -6.85
CA LEU B 509 -23.85 -0.55 -6.74
C LEU B 509 -25.27 0.01 -6.80
N ASN B 510 -25.93 -0.06 -7.96
CA ASN B 510 -27.26 0.53 -8.12
C ASN B 510 -28.29 -0.60 -8.20
N THR B 511 -28.47 -1.32 -7.10
CA THR B 511 -29.39 -2.45 -7.14
C THR B 511 -29.82 -2.78 -5.73
N SER B 512 -31.04 -3.33 -5.62
CA SER B 512 -31.59 -3.95 -4.43
C SER B 512 -32.41 -5.18 -4.82
N PHE B 513 -32.06 -5.78 -5.96
CA PHE B 513 -32.80 -6.92 -6.47
C PHE B 513 -32.74 -8.09 -5.50
N VAL B 514 -33.90 -8.72 -5.29
CA VAL B 514 -34.03 -9.94 -4.49
C VAL B 514 -34.47 -11.06 -5.42
N GLY B 515 -33.74 -12.17 -5.41
CA GLY B 515 -34.03 -13.30 -6.27
C GLY B 515 -34.16 -14.58 -5.48
N ARG B 516 -34.13 -15.72 -6.16
CA ARG B 516 -34.20 -17.02 -5.49
C ARG B 516 -33.03 -17.88 -5.89
N GLY B 517 -32.39 -18.50 -4.92
CA GLY B 517 -31.22 -19.29 -5.20
C GLY B 517 -29.99 -18.70 -4.55
N PRO B 518 -29.02 -18.28 -5.37
CA PRO B 518 -29.08 -18.16 -6.82
C PRO B 518 -28.87 -19.46 -7.59
N ARG B 519 -29.27 -19.47 -8.86
CA ARG B 519 -28.93 -20.55 -9.79
C ARG B 519 -29.43 -21.93 -9.34
N LEU B 520 -30.71 -21.97 -8.93
CA LEU B 520 -31.31 -23.22 -8.43
C LEU B 520 -31.30 -24.33 -9.48
N ARG B 521 -31.57 -24.00 -10.74
CA ARG B 521 -31.59 -25.01 -11.79
C ARG B 521 -30.21 -25.63 -12.02
N GLN B 522 -29.16 -24.80 -12.17
CA GLN B 522 -27.84 -25.38 -12.37
C GLN B 522 -27.38 -26.16 -11.15
N CYS B 523 -27.71 -25.66 -9.96
CA CYS B 523 -27.34 -26.43 -8.76
C CYS B 523 -28.08 -27.76 -8.71
N ALA B 524 -29.37 -27.81 -9.12
CA ALA B 524 -30.07 -29.10 -9.17
C ALA B 524 -29.42 -30.06 -10.17
N PHE B 525 -28.89 -29.52 -11.28
CA PHE B 525 -28.15 -30.36 -12.22
C PHE B 525 -26.99 -31.08 -11.53
N TRP B 526 -26.17 -30.35 -10.77
CA TRP B 526 -24.99 -30.97 -10.15
C TRP B 526 -25.37 -31.83 -8.96
N LYS B 527 -26.35 -31.41 -8.16
CA LYS B 527 -26.66 -32.10 -6.92
C LYS B 527 -27.68 -33.22 -7.08
N LYS B 528 -28.52 -33.18 -8.12
CA LYS B 528 -29.57 -34.19 -8.30
C LYS B 528 -29.49 -34.93 -9.61
N TYR B 529 -29.44 -34.24 -10.75
CA TYR B 529 -29.49 -34.96 -12.02
C TYR B 529 -28.19 -35.73 -12.28
N LEU B 530 -27.05 -35.05 -12.27
CA LEU B 530 -25.81 -35.72 -12.68
C LEU B 530 -25.46 -36.93 -11.81
N PRO B 531 -25.60 -36.89 -10.47
CA PRO B 531 -25.37 -38.13 -9.70
C PRO B 531 -26.24 -39.29 -10.14
N GLN B 532 -27.54 -39.07 -10.43
CA GLN B 532 -28.33 -40.23 -10.83
C GLN B 532 -28.01 -40.68 -12.25
N LEU B 533 -27.56 -39.76 -13.12
CA LEU B 533 -27.14 -40.19 -14.44
C LEU B 533 -25.84 -40.99 -14.39
N VAL B 534 -24.92 -40.61 -13.49
CA VAL B 534 -23.66 -41.34 -13.39
C VAL B 534 -23.90 -42.75 -12.87
N ALA B 535 -24.78 -42.89 -11.88
CA ALA B 535 -25.11 -44.22 -11.35
C ALA B 535 -25.70 -45.11 -12.43
N ALA B 536 -26.64 -44.57 -13.23
CA ALA B 536 -27.31 -45.38 -14.25
C ALA B 536 -26.37 -45.85 -15.37
N THR B 537 -25.25 -45.17 -15.62
CA THR B 537 -24.42 -45.43 -16.79
C THR B 537 -23.02 -45.98 -16.44
N SER B 538 -22.87 -46.63 -15.30
CA SER B 538 -21.52 -47.09 -14.95
C SER B 538 -21.41 -48.61 -14.85
N ASN B 539 -21.97 -49.33 -15.81
CA ASN B 539 -21.95 -50.79 -15.81
C ASN B 539 -20.52 -51.37 -15.88
#